data_4WK4
#
_entry.id   4WK4
#
_cell.length_a   57.520
_cell.length_b   112.160
_cell.length_c   169.540
_cell.angle_alpha   90.000
_cell.angle_beta   90.000
_cell.angle_gamma   90.000
#
_symmetry.space_group_name_H-M   'P 21 21 21'
#
loop_
_entity.id
_entity.type
_entity.pdbx_description
1 polymer 'Integrin alpha-5'
2 polymer 'Integrin beta-1'
3 polymer ALA-CYS-ARG-GLY-ASP-GLY-TRP-CYS
4 branched alpha-D-mannopyranose-(1-3)-alpha-D-mannopyranose-(1-6)-[alpha-D-mannopyranose-(1-3)]beta-D-mannopyranose-(1-4)-2-acetamido-2-deoxy-beta-D-glucopyranose-(1-4)-2-acetamido-2-deoxy-beta-D-glucopyranose
5 branched alpha-D-mannopyranose-(1-3)-beta-D-mannopyranose-(1-4)-2-acetamido-2-deoxy-beta-D-glucopyranose-(1-4)-2-acetamido-2-deoxy-beta-D-glucopyranose
6 branched beta-D-mannopyranose-(1-4)-2-acetamido-2-deoxy-beta-D-glucopyranose-(1-4)-2-acetamido-2-deoxy-beta-D-glucopyranose
7 branched alpha-D-mannopyranose-(1-3)-[alpha-D-mannopyranose-(1-6)]alpha-D-mannopyranose-(1-6)-[alpha-D-mannopyranose-(1-3)]beta-D-mannopyranose-(1-4)-2-acetamido-2-deoxy-beta-D-glucopyranose-(1-4)-2-acetamido-2-deoxy-beta-D-glucopyranose
8 branched 2-acetamido-2-deoxy-beta-D-glucopyranose-(1-4)-2-acetamido-2-deoxy-beta-D-glucopyranose
9 non-polymer 'CALCIUM ION'
10 non-polymer 'MAGNESIUM ION'
11 non-polymer 2-acetamido-2-deoxy-beta-D-glucopyranose
12 water water
#
loop_
_entity_poly.entity_id
_entity_poly.type
_entity_poly.pdbx_seq_one_letter_code
_entity_poly.pdbx_strand_id
1 'polypeptide(L)'
;FNLDAEAPAVLSGPPGSFFGFSVEFYRPGTDGVSVLVGAPKANTSQPGVLQGGAVYLCPWGASPTQCTPIEFDSKGSRLL
ESSLSSSEGEEPVEYKSLQWFGATVRAHGSSILACAPLYSWRTEKEPLSDPVGTCYLSTDNFTRILEYAPCRSDFSWAAG
QGYCQGGFSAEFTKTGRVVLGGPGSYFWQGQILSATQEQIAESYYPEYLINLVQGQLQTRQASSIYDDSYLGYSVAVGEF
SGDDTEDFVAGVPKGNLTYGYVTILNGSDIRSLYNFSGEQMASYFGYAVAATDVNGDGLDDLLVGAPLLMDRTPDGRPQE
VGRVYVYLQHPAGIEPTPTLTLTGHDEFGRFGSSLTPLGDLDQDGYNDVAIGAPFGGETQQGVVFVFPGGPGGLGSKPSQ
VLQPLWAASHTPDFFGSALRGGRDLDGNGYPDLIVGSFGVDKAVVYRGRP
;
A
2 'polypeptide(L)'
;QTDENRCLKANAKSCGECIQAGPNCGWCTNSTFLQEGMPTSARCDDLEALKKKGCPPDDIENPRGSKDIKKNKNVTNRSK
GTAEKLKPEDITQIQPQQLVLRLRSGEPQTFTLKFKRAEDYPIDLYYLMDLSYSMKDDLENVKSLGTDLMNEMRRITSDF
RIGFGSFVEKTVMPYISTTPAKLRNPCTSEQNCTTPFSYKNVLSLTNKGEVFNELVGKQRISGNLDSPEGGFDAIMQVAV
CGSLIGWRNVTRLLVFSTDAGFHFAGDGKLGGIVLPNDGQCHLENNMYTMSHYYDYPSIAHLVQKLSENNIQTIFAVTEE
FQPVYKELKNLIPKSAVGTLSANSSNVIQLIIDAYNSLSSEVILENGKLSEGVTISYKSYCKNGVNGTGENGRKCSNISI
GDEVQFEISITSNKCPKKDSDSFKIRPLGFTEEVEVILQYICECE
;
B
3 'polypeptide(L)' ACRGDGWC C
#
# COMPACT_ATOMS: atom_id res chain seq x y z
N PHE A 1 1.33 28.23 -0.42
CA PHE A 1 0.35 28.79 0.57
C PHE A 1 -0.49 29.89 -0.06
N ASN A 2 -0.06 30.37 -1.22
CA ASN A 2 -0.76 31.46 -1.91
C ASN A 2 -1.75 30.95 -2.97
N LEU A 3 -1.81 29.63 -3.15
CA LEU A 3 -2.77 29.05 -4.09
C LEU A 3 -4.20 29.38 -3.68
N ASP A 4 -4.97 29.88 -4.63
CA ASP A 4 -6.36 30.24 -4.37
C ASP A 4 -7.21 28.98 -4.14
N ALA A 5 -6.96 28.33 -3.00
CA ALA A 5 -7.59 27.05 -2.69
C ALA A 5 -9.08 27.18 -2.44
N GLU A 6 -9.53 28.38 -2.07
CA GLU A 6 -10.92 28.61 -1.75
C GLU A 6 -11.80 28.75 -2.98
N ALA A 7 -11.19 29.11 -4.11
CA ALA A 7 -11.92 29.30 -5.35
C ALA A 7 -11.16 28.75 -6.55
N PRO A 8 -11.01 27.41 -6.61
CA PRO A 8 -10.37 26.76 -7.76
C PRO A 8 -11.35 26.51 -8.89
N ALA A 9 -10.85 26.45 -10.12
CA ALA A 9 -11.68 26.12 -11.27
C ALA A 9 -11.78 24.61 -11.43
N VAL A 10 -12.99 24.11 -11.65
CA VAL A 10 -13.24 22.68 -11.77
C VAL A 10 -13.63 22.30 -13.18
N LEU A 11 -13.09 21.17 -13.66
CA LEU A 11 -13.45 20.62 -14.97
C LEU A 11 -14.17 19.29 -14.79
N SER A 12 -15.10 19.00 -15.70
CA SER A 12 -15.94 17.81 -15.60
C SER A 12 -16.00 17.04 -16.92
N GLY A 13 -15.69 15.74 -16.85
CA GLY A 13 -15.76 14.87 -18.01
C GLY A 13 -16.92 13.92 -17.93
N PRO A 14 -17.06 13.04 -18.94
CA PRO A 14 -18.15 12.06 -18.96
C PRO A 14 -18.10 11.12 -17.77
N PRO A 15 -19.27 10.70 -17.25
CA PRO A 15 -19.29 9.81 -16.09
C PRO A 15 -18.66 8.44 -16.36
N GLY A 16 -17.80 8.00 -15.45
CA GLY A 16 -17.18 6.68 -15.55
C GLY A 16 -16.10 6.62 -16.60
N SER A 17 -15.54 7.78 -16.94
CA SER A 17 -14.50 7.87 -17.96
C SER A 17 -13.12 8.08 -17.34
N PHE A 18 -13.09 8.18 -16.02
CA PHE A 18 -11.84 8.43 -15.28
C PHE A 18 -11.18 9.71 -15.78
N PHE A 19 -12.01 10.67 -16.15
CA PHE A 19 -11.58 12.01 -16.49
C PHE A 19 -10.76 12.60 -15.34
N GLY A 20 -9.50 12.92 -15.61
CA GLY A 20 -8.60 13.46 -14.60
C GLY A 20 -7.58 12.44 -14.13
N PHE A 21 -7.57 11.28 -14.76
CA PHE A 21 -6.60 10.22 -14.45
C PHE A 21 -5.20 10.69 -14.83
N SER A 22 -5.13 11.60 -15.80
CA SER A 22 -3.87 12.21 -16.21
C SER A 22 -4.10 13.67 -16.60
N VAL A 23 -3.15 14.53 -16.23
CA VAL A 23 -3.28 15.97 -16.46
C VAL A 23 -1.97 16.58 -16.95
N GLU A 24 -2.07 17.70 -17.66
CA GLU A 24 -0.89 18.31 -18.28
C GLU A 24 -1.17 19.72 -18.82
N PHE A 25 -0.15 20.58 -18.80
CA PHE A 25 -0.22 21.89 -19.45
C PHE A 25 0.14 21.79 -20.93
N TYR A 26 -0.52 22.59 -21.76
CA TYR A 26 -0.21 22.63 -23.19
C TYR A 26 -0.11 24.07 -23.69
N ARG A 27 0.99 24.36 -24.39
CA ARG A 27 1.24 25.71 -24.90
C ARG A 27 2.01 25.67 -26.22
N PRO A 28 1.28 25.62 -27.35
CA PRO A 28 1.92 25.76 -28.66
C PRO A 28 2.16 27.23 -28.99
N GLY A 29 2.74 27.95 -28.03
CA GLY A 29 2.88 29.40 -28.10
C GLY A 29 2.42 30.01 -26.80
N THR A 30 2.91 31.21 -26.49
CA THR A 30 2.54 31.89 -25.26
C THR A 30 1.04 32.14 -25.21
N ASP A 31 0.47 32.41 -26.38
CA ASP A 31 -0.97 32.63 -26.52
C ASP A 31 -1.66 31.34 -26.92
N GLY A 32 -2.75 31.01 -26.24
CA GLY A 32 -3.50 29.81 -26.52
C GLY A 32 -3.14 28.66 -25.58
N VAL A 33 -2.84 28.99 -24.33
CA VAL A 33 -2.58 27.99 -23.31
C VAL A 33 -3.82 27.14 -23.09
N SER A 34 -3.60 25.86 -22.76
CA SER A 34 -4.70 24.93 -22.56
C SER A 34 -4.34 23.89 -21.51
N VAL A 35 -5.38 23.22 -20.99
CA VAL A 35 -5.19 22.12 -20.04
C VAL A 35 -5.60 20.81 -20.68
N LEU A 36 -4.71 19.82 -20.64
CA LEU A 36 -5.00 18.50 -21.19
C LEU A 36 -5.43 17.55 -20.07
N VAL A 37 -6.45 16.75 -20.34
CA VAL A 37 -7.00 15.83 -19.34
C VAL A 37 -7.30 14.47 -19.97
N GLY A 38 -6.59 13.44 -19.49
CA GLY A 38 -6.79 12.09 -19.97
C GLY A 38 -7.99 11.42 -19.31
N ALA A 39 -8.74 10.66 -20.11
CA ALA A 39 -9.92 9.96 -19.64
C ALA A 39 -9.96 8.56 -20.26
N PRO A 40 -9.19 7.62 -19.69
CA PRO A 40 -8.93 6.31 -20.33
C PRO A 40 -10.12 5.35 -20.38
N LYS A 41 -11.30 5.76 -19.92
CA LYS A 41 -12.49 4.93 -20.00
C LYS A 41 -13.59 5.61 -20.81
N ALA A 42 -13.24 6.66 -21.53
CA ALA A 42 -14.20 7.39 -22.34
C ALA A 42 -14.53 6.64 -23.62
N ASN A 43 -15.81 6.62 -23.99
CA ASN A 43 -16.23 6.05 -25.25
C ASN A 43 -15.88 7.01 -26.39
N THR A 44 -15.65 6.45 -27.58
CA THR A 44 -15.24 7.22 -28.73
C THR A 44 -15.99 6.79 -29.98
N SER A 45 -15.91 7.61 -31.03
CA SER A 45 -16.65 7.34 -32.26
C SER A 45 -15.95 6.29 -33.13
N GLN A 46 -14.81 5.79 -32.65
CA GLN A 46 -14.11 4.73 -33.35
C GLN A 46 -15.02 3.51 -33.51
N PRO A 47 -15.17 3.01 -34.75
CA PRO A 47 -16.09 1.88 -34.96
C PRO A 47 -15.61 0.61 -34.27
N GLY A 48 -16.51 -0.03 -33.53
CA GLY A 48 -16.22 -1.29 -32.86
C GLY A 48 -15.17 -1.16 -31.78
N VAL A 49 -15.20 -0.06 -31.03
CA VAL A 49 -14.24 0.19 -29.96
C VAL A 49 -14.96 0.58 -28.67
N LEU A 50 -15.04 -0.36 -27.73
CA LEU A 50 -15.67 -0.11 -26.44
C LEU A 50 -14.72 0.56 -25.45
N GLN A 51 -15.04 1.80 -25.08
CA GLN A 51 -14.24 2.56 -24.12
C GLN A 51 -12.76 2.59 -24.51
N GLY A 52 -12.46 3.21 -25.64
CA GLY A 52 -11.09 3.28 -26.12
C GLY A 52 -10.22 4.19 -25.27
N GLY A 53 -10.84 5.18 -24.64
CA GLY A 53 -10.11 6.19 -23.90
C GLY A 53 -9.85 7.39 -24.78
N ALA A 54 -9.80 8.58 -24.18
CA ALA A 54 -9.69 9.81 -24.94
C ALA A 54 -9.01 10.91 -24.14
N VAL A 55 -8.34 11.82 -24.84
CA VAL A 55 -7.68 12.97 -24.22
C VAL A 55 -8.46 14.22 -24.57
N TYR A 56 -8.64 15.10 -23.59
CA TYR A 56 -9.45 16.29 -23.75
C TYR A 56 -8.63 17.57 -23.72
N LEU A 57 -8.91 18.47 -24.67
CA LEU A 57 -8.25 19.77 -24.73
C LEU A 57 -9.15 20.84 -24.14
N CYS A 58 -8.67 21.49 -23.08
CA CYS A 58 -9.45 22.48 -22.36
C CYS A 58 -8.79 23.87 -22.40
N PRO A 59 -9.14 24.67 -23.41
CA PRO A 59 -8.57 26.02 -23.51
C PRO A 59 -8.98 26.92 -22.36
N TRP A 60 -8.10 27.85 -21.97
CA TRP A 60 -8.41 28.78 -20.89
C TRP A 60 -9.39 29.84 -21.37
N GLY A 61 -10.41 30.11 -20.56
CA GLY A 61 -11.56 30.89 -20.99
C GLY A 61 -12.73 29.94 -21.16
N ALA A 62 -13.26 29.48 -20.03
CA ALA A 62 -14.16 28.32 -19.98
C ALA A 62 -15.41 28.43 -20.85
N SER A 63 -16.11 29.56 -20.74
CA SER A 63 -17.45 29.70 -21.33
C SER A 63 -17.48 29.44 -22.84
N PRO A 64 -18.48 28.67 -23.31
CA PRO A 64 -19.47 27.88 -22.56
C PRO A 64 -18.92 26.53 -22.13
N THR A 65 -18.37 25.77 -23.08
CA THR A 65 -17.81 24.45 -22.83
C THR A 65 -16.30 24.47 -23.03
N GLN A 66 -15.55 24.14 -21.98
CA GLN A 66 -14.10 24.19 -22.04
C GLN A 66 -13.55 23.01 -22.83
N CYS A 67 -13.77 21.81 -22.30
CA CYS A 67 -13.07 20.62 -22.78
C CYS A 67 -13.71 19.98 -24.01
N THR A 68 -12.85 19.56 -24.95
CA THR A 68 -13.26 18.80 -26.12
C THR A 68 -12.20 17.74 -26.43
N PRO A 69 -12.59 16.64 -27.11
CA PRO A 69 -11.66 15.52 -27.29
C PRO A 69 -10.71 15.69 -28.48
N ILE A 70 -9.43 15.36 -28.27
CA ILE A 70 -8.44 15.38 -29.35
C ILE A 70 -8.50 14.06 -30.12
N GLU A 71 -8.82 14.13 -31.41
CA GLU A 71 -8.90 12.94 -32.24
C GLU A 71 -7.52 12.52 -32.73
N PHE A 72 -6.87 11.66 -31.93
CA PHE A 72 -5.58 11.10 -32.31
C PHE A 72 -5.75 10.00 -33.35
N ASP A 73 -6.83 9.22 -33.20
CA ASP A 73 -7.08 8.06 -34.03
C ASP A 73 -8.58 7.84 -34.23
N SER A 74 -9.06 8.10 -35.44
CA SER A 74 -10.47 7.97 -35.76
C SER A 74 -10.83 6.55 -36.21
N LYS A 75 -9.81 5.74 -36.45
CA LYS A 75 -10.00 4.40 -36.99
C LYS A 75 -10.23 3.40 -35.88
N GLY A 76 -10.97 2.34 -36.19
CA GLY A 76 -11.21 1.27 -35.24
C GLY A 76 -10.05 0.29 -35.20
N SER A 77 -10.30 -0.93 -34.75
CA SER A 77 -9.26 -1.95 -34.69
C SER A 77 -9.00 -2.51 -36.09
N ARG A 78 -7.75 -2.41 -36.53
CA ARG A 78 -7.37 -2.89 -37.86
C ARG A 78 -7.51 -4.41 -37.98
N LEU A 79 -7.66 -4.89 -39.20
CA LEU A 79 -7.90 -6.31 -39.47
C LEU A 79 -6.63 -7.04 -39.86
N LEU A 80 -6.61 -8.34 -39.61
CA LEU A 80 -5.44 -9.16 -39.90
C LEU A 80 -5.21 -9.23 -41.40
N GLU A 81 -4.01 -8.85 -41.81
CA GLU A 81 -3.66 -8.72 -43.22
C GLU A 81 -3.75 -10.06 -43.95
N SER A 82 -3.26 -11.11 -43.30
CA SER A 82 -3.22 -12.45 -43.90
C SER A 82 -4.40 -13.30 -43.47
N SER A 83 -5.60 -12.71 -43.48
CA SER A 83 -6.80 -13.44 -43.11
C SER A 83 -8.09 -12.75 -43.56
N LEU A 84 -7.98 -11.81 -44.49
CA LEU A 84 -9.17 -11.13 -45.02
C LEU A 84 -9.92 -12.05 -45.98
N SER A 85 -9.18 -12.87 -46.73
CA SER A 85 -9.78 -13.89 -47.58
C SER A 85 -10.09 -15.13 -46.75
N SER A 86 -9.03 -15.86 -46.38
CA SER A 86 -9.14 -17.01 -45.48
C SER A 86 -10.20 -18.00 -45.93
N SER A 87 -10.73 -18.77 -44.99
CA SER A 87 -11.80 -19.73 -45.28
C SER A 87 -13.17 -19.07 -45.09
N GLU A 88 -13.45 -18.63 -43.87
CA GLU A 88 -14.52 -17.99 -43.14
C GLU A 88 -14.00 -17.34 -41.85
N GLY A 89 -14.27 -16.04 -41.70
CA GLY A 89 -13.89 -15.30 -40.50
C GLY A 89 -12.88 -14.20 -40.78
N GLU A 90 -13.25 -12.97 -40.41
CA GLU A 90 -12.37 -11.82 -40.50
C GLU A 90 -11.81 -11.45 -39.14
N GLU A 91 -10.54 -11.77 -38.90
CA GLU A 91 -9.93 -11.57 -37.59
C GLU A 91 -9.32 -10.18 -37.42
N PRO A 92 -9.65 -9.50 -36.31
CA PRO A 92 -8.90 -8.28 -36.00
C PRO A 92 -7.47 -8.62 -35.60
N VAL A 93 -6.51 -7.76 -35.96
CA VAL A 93 -5.12 -8.00 -35.62
C VAL A 93 -4.75 -7.30 -34.32
N GLU A 94 -5.47 -6.23 -34.00
CA GLU A 94 -5.24 -5.48 -32.77
C GLU A 94 -6.55 -5.32 -32.00
N TYR A 95 -6.44 -4.92 -30.74
CA TYR A 95 -7.59 -4.77 -29.86
C TYR A 95 -7.52 -3.44 -29.12
N LYS A 96 -8.28 -2.47 -29.60
CA LYS A 96 -8.28 -1.13 -29.03
C LYS A 96 -9.35 -0.94 -27.95
N SER A 97 -10.22 -1.93 -27.79
CA SER A 97 -11.25 -1.85 -26.76
C SER A 97 -10.61 -2.02 -25.37
N LEU A 98 -10.93 -1.10 -24.47
CA LEU A 98 -10.43 -1.14 -23.10
C LEU A 98 -8.91 -0.96 -23.05
N GLN A 99 -8.39 -0.17 -23.98
CA GLN A 99 -6.94 0.02 -24.10
C GLN A 99 -6.40 1.09 -23.16
N TRP A 100 -7.30 1.80 -22.48
CA TRP A 100 -6.89 2.86 -21.54
C TRP A 100 -6.05 3.95 -22.20
N PHE A 101 -6.42 4.36 -23.41
CA PHE A 101 -5.77 5.47 -24.09
C PHE A 101 -6.02 6.77 -23.34
N GLY A 102 -4.95 7.50 -23.04
CA GLY A 102 -5.05 8.71 -22.23
C GLY A 102 -4.73 8.43 -20.77
N ALA A 103 -4.31 7.21 -20.46
CA ALA A 103 -3.83 6.88 -19.12
C ALA A 103 -2.65 7.78 -18.75
N THR A 104 -1.84 8.09 -19.76
CA THR A 104 -0.72 9.00 -19.61
C THR A 104 -0.83 10.12 -20.62
N VAL A 105 -0.51 11.34 -20.18
CA VAL A 105 -0.56 12.52 -21.04
C VAL A 105 0.61 13.45 -20.73
N ARG A 106 1.39 13.76 -21.76
CA ARG A 106 2.52 14.66 -21.62
C ARG A 106 2.61 15.55 -22.85
N ALA A 107 3.17 16.74 -22.68
CA ALA A 107 3.32 17.68 -23.78
C ALA A 107 4.58 18.51 -23.64
N HIS A 108 5.14 18.91 -24.78
CA HIS A 108 6.32 19.75 -24.82
C HIS A 108 6.25 20.63 -26.06
N GLY A 109 6.21 21.95 -25.84
CA GLY A 109 6.00 22.88 -26.93
C GLY A 109 4.66 22.61 -27.58
N SER A 110 4.65 22.44 -28.89
CA SER A 110 3.43 22.12 -29.63
C SER A 110 3.37 20.63 -29.94
N SER A 111 3.91 19.82 -29.03
CA SER A 111 3.86 18.36 -29.16
C SER A 111 3.07 17.75 -28.01
N ILE A 112 2.34 16.68 -28.32
CA ILE A 112 1.54 15.97 -27.33
C ILE A 112 1.75 14.46 -27.46
N LEU A 113 2.08 13.85 -26.33
CA LEU A 113 2.19 12.41 -26.24
C LEU A 113 1.05 11.87 -25.40
N ALA A 114 0.35 10.86 -25.94
CA ALA A 114 -0.73 10.20 -25.22
C ALA A 114 -0.62 8.69 -25.43
N CYS A 115 -0.68 7.94 -24.35
CA CYS A 115 -0.38 6.51 -24.38
C CYS A 115 -1.55 5.65 -23.96
N ALA A 116 -1.61 4.44 -24.52
CA ALA A 116 -2.60 3.43 -24.18
C ALA A 116 -1.91 2.18 -23.63
N PRO A 117 -1.61 2.17 -22.32
CA PRO A 117 -0.83 1.09 -21.68
C PRO A 117 -1.44 -0.30 -21.77
N LEU A 118 -2.71 -0.40 -22.15
CA LEU A 118 -3.39 -1.69 -22.21
C LEU A 118 -3.81 -2.06 -23.63
N TYR A 119 -3.32 -1.31 -24.61
CA TYR A 119 -3.48 -1.71 -25.99
C TYR A 119 -2.79 -3.05 -26.20
N SER A 120 -3.45 -3.95 -26.89
CA SER A 120 -2.86 -5.27 -27.16
C SER A 120 -3.13 -5.70 -28.59
N TRP A 121 -2.28 -6.57 -29.11
CA TRP A 121 -2.48 -7.10 -30.45
C TRP A 121 -2.17 -8.59 -30.50
N ARG A 122 -2.29 -9.14 -31.70
CA ARG A 122 -2.29 -10.59 -31.91
C ARG A 122 -0.97 -11.04 -32.51
N THR A 123 -0.29 -10.13 -33.21
CA THR A 123 0.80 -10.45 -34.11
C THR A 123 0.23 -11.06 -35.40
N GLU A 124 1.00 -10.98 -36.47
CA GLU A 124 0.56 -11.47 -37.77
C GLU A 124 0.92 -12.94 -37.94
N LYS A 125 1.21 -13.61 -36.83
CA LYS A 125 1.59 -15.01 -36.83
C LYS A 125 0.69 -15.81 -35.89
N GLU A 126 1.27 -16.43 -34.87
CA GLU A 126 0.48 -17.22 -33.91
C GLU A 126 -0.44 -16.31 -33.10
N PRO A 127 -1.69 -16.74 -32.87
CA PRO A 127 -2.61 -15.87 -32.11
C PRO A 127 -2.15 -15.65 -30.66
N LEU A 128 -1.89 -14.40 -30.31
CA LEU A 128 -1.54 -14.03 -28.94
C LEU A 128 -2.44 -12.90 -28.46
N SER A 129 -2.21 -12.46 -27.23
CA SER A 129 -2.93 -11.33 -26.66
C SER A 129 -1.91 -10.43 -25.93
N ASP A 130 -0.87 -10.06 -26.65
CA ASP A 130 0.25 -9.30 -26.10
C ASP A 130 -0.10 -7.83 -25.86
N PRO A 131 -0.13 -7.39 -24.59
CA PRO A 131 -0.36 -5.97 -24.33
C PRO A 131 0.92 -5.16 -24.46
N VAL A 132 1.35 -4.94 -25.70
CA VAL A 132 2.57 -4.20 -25.98
C VAL A 132 2.46 -2.73 -25.59
N GLY A 133 1.23 -2.21 -25.57
CA GLY A 133 1.00 -0.80 -25.34
C GLY A 133 1.27 -0.01 -26.61
N THR A 134 0.76 1.20 -26.67
CA THR A 134 1.02 2.07 -27.81
C THR A 134 0.89 3.53 -27.40
N CYS A 135 1.48 4.41 -28.19
CA CYS A 135 1.39 5.85 -27.98
C CYS A 135 1.08 6.56 -29.28
N TYR A 136 0.41 7.70 -29.18
CA TYR A 136 0.21 8.59 -30.31
C TYR A 136 0.88 9.93 -30.04
N LEU A 137 1.68 10.38 -31.00
CA LEU A 137 2.43 11.62 -30.88
C LEU A 137 1.88 12.65 -31.85
N SER A 138 1.32 13.73 -31.32
CA SER A 138 0.87 14.85 -32.12
C SER A 138 1.96 15.91 -32.16
N THR A 139 2.30 16.39 -33.35
CA THR A 139 3.36 17.39 -33.50
C THR A 139 2.92 18.55 -34.39
N ASP A 140 3.63 19.66 -34.25
CA ASP A 140 3.34 20.88 -35.02
C ASP A 140 1.89 21.30 -34.84
N ASN A 141 1.37 21.09 -33.64
CA ASN A 141 0.01 21.48 -33.30
C ASN A 141 -1.03 20.75 -34.16
N PHE A 142 -1.04 19.43 -34.05
CA PHE A 142 -2.08 18.58 -34.64
C PHE A 142 -2.04 18.51 -36.17
N THR A 143 -1.07 19.16 -36.80
CA THR A 143 -0.99 19.14 -38.26
C THR A 143 -0.54 17.78 -38.78
N ARG A 144 0.03 16.96 -37.90
CA ARG A 144 0.29 15.56 -38.22
C ARG A 144 0.44 14.75 -36.93
N ILE A 145 -0.03 13.51 -36.98
CA ILE A 145 -0.05 12.64 -35.81
C ILE A 145 0.58 11.29 -36.14
N LEU A 146 1.40 10.79 -35.22
CA LEU A 146 2.17 9.57 -35.43
C LEU A 146 1.92 8.55 -34.33
N GLU A 147 1.75 7.29 -34.69
CA GLU A 147 1.70 6.22 -33.71
C GLU A 147 3.11 5.78 -33.38
N TYR A 148 3.36 5.46 -32.11
CA TYR A 148 4.67 5.03 -31.65
C TYR A 148 4.50 3.90 -30.63
N ALA A 149 4.73 2.67 -31.09
CA ALA A 149 4.63 1.49 -30.26
C ALA A 149 5.94 0.71 -30.30
N PRO A 150 6.97 1.19 -29.60
CA PRO A 150 8.31 0.60 -29.68
C PRO A 150 8.44 -0.79 -29.04
N CYS A 151 7.40 -1.23 -28.33
CA CYS A 151 7.38 -2.57 -27.75
C CYS A 151 6.69 -3.55 -28.69
N ARG A 152 5.94 -3.03 -29.65
CA ARG A 152 5.33 -3.87 -30.68
C ARG A 152 6.41 -4.27 -31.69
N SER A 153 7.19 -5.30 -31.31
CA SER A 153 8.37 -5.68 -32.07
C SER A 153 8.30 -7.12 -32.57
N ASP A 154 9.43 -7.62 -33.07
CA ASP A 154 9.54 -9.00 -33.51
C ASP A 154 9.57 -9.97 -32.33
N PHE A 155 9.91 -9.44 -31.16
CA PHE A 155 10.05 -10.26 -29.95
C PHE A 155 8.75 -10.25 -29.15
N SER A 156 7.95 -11.29 -29.35
CA SER A 156 6.60 -11.34 -28.79
C SER A 156 6.50 -12.12 -27.48
N TRP A 157 5.32 -12.05 -26.87
CA TRP A 157 5.01 -12.78 -25.64
C TRP A 157 5.86 -12.29 -24.46
N ALA A 158 5.60 -12.86 -23.29
CA ALA A 158 6.22 -12.41 -22.04
C ALA A 158 7.76 -12.48 -22.09
N ALA A 159 8.29 -13.52 -22.72
CA ALA A 159 9.74 -13.70 -22.78
C ALA A 159 10.42 -12.54 -23.51
N GLY A 160 9.67 -11.88 -24.39
CA GLY A 160 10.15 -10.72 -25.12
C GLY A 160 9.51 -9.44 -24.62
N GLN A 161 8.96 -8.66 -25.55
CA GLN A 161 8.35 -7.37 -25.22
C GLN A 161 6.83 -7.40 -25.35
N GLY A 162 6.28 -8.60 -25.43
CA GLY A 162 4.84 -8.77 -25.62
C GLY A 162 3.99 -8.14 -24.54
N TYR A 163 4.44 -8.23 -23.28
CA TYR A 163 3.69 -7.69 -22.16
C TYR A 163 4.32 -6.41 -21.62
N CYS A 164 5.12 -5.76 -22.44
CA CYS A 164 5.83 -4.53 -22.07
C CYS A 164 4.90 -3.46 -21.50
N GLN A 165 3.76 -3.25 -22.18
CA GLN A 165 2.83 -2.18 -21.84
C GLN A 165 3.51 -0.82 -21.93
N GLY A 166 4.24 -0.61 -23.02
CA GLY A 166 4.90 0.66 -23.27
C GLY A 166 3.96 1.84 -23.17
N GLY A 167 4.35 2.83 -22.36
CA GLY A 167 3.56 4.02 -22.16
C GLY A 167 2.89 4.05 -20.79
N PHE A 168 3.04 2.98 -20.04
CA PHE A 168 2.53 2.92 -18.66
C PHE A 168 3.01 4.14 -17.87
N SER A 169 4.19 4.62 -18.21
CA SER A 169 4.68 5.90 -17.72
C SER A 169 5.44 6.57 -18.86
N ALA A 170 5.54 7.88 -18.82
CA ALA A 170 6.14 8.62 -19.93
C ALA A 170 6.55 10.02 -19.51
N GLU A 171 7.38 10.65 -20.32
CA GLU A 171 7.86 11.98 -20.04
C GLU A 171 8.60 12.57 -21.25
N PHE A 172 8.54 13.88 -21.38
CA PHE A 172 9.37 14.61 -22.35
C PHE A 172 10.61 15.15 -21.66
N THR A 173 11.71 15.21 -22.40
CA THR A 173 12.89 15.93 -21.93
C THR A 173 12.66 17.41 -22.24
N LYS A 174 13.57 18.27 -21.80
CA LYS A 174 13.41 19.70 -22.02
C LYS A 174 13.73 20.06 -23.48
N THR A 175 14.18 19.07 -24.25
CA THR A 175 14.41 19.25 -25.68
C THR A 175 13.34 18.54 -26.52
N GLY A 176 12.44 17.82 -25.87
CA GLY A 176 11.34 17.18 -26.55
C GLY A 176 11.55 15.71 -26.88
N ARG A 177 12.59 15.12 -26.33
CA ARG A 177 12.84 13.68 -26.52
C ARG A 177 11.81 12.86 -25.75
N VAL A 178 11.26 11.84 -26.40
CA VAL A 178 10.28 10.97 -25.78
C VAL A 178 10.96 9.92 -24.91
N VAL A 179 10.38 9.67 -23.74
CA VAL A 179 10.88 8.64 -22.83
C VAL A 179 9.68 7.83 -22.33
N LEU A 180 9.70 6.52 -22.60
CA LEU A 180 8.61 5.64 -22.20
C LEU A 180 9.06 4.62 -21.16
N GLY A 181 8.15 4.24 -20.28
CA GLY A 181 8.36 3.15 -19.35
C GLY A 181 7.45 1.99 -19.70
N GLY A 182 8.02 0.80 -19.72
CA GLY A 182 7.27 -0.42 -19.97
C GLY A 182 7.64 -1.49 -18.96
N PRO A 183 6.83 -1.65 -17.89
CA PRO A 183 7.22 -2.52 -16.77
C PRO A 183 7.11 -4.01 -17.00
N GLY A 184 6.73 -4.44 -18.21
CA GLY A 184 6.45 -5.83 -18.46
C GLY A 184 7.42 -6.57 -19.36
N SER A 185 8.34 -5.86 -19.97
CA SER A 185 9.33 -6.48 -20.87
C SER A 185 10.13 -7.58 -20.17
N TYR A 186 10.41 -8.65 -20.91
CA TYR A 186 11.26 -9.74 -20.43
C TYR A 186 10.79 -10.30 -19.08
N PHE A 187 9.58 -10.84 -19.06
CA PHE A 187 8.99 -11.36 -17.83
C PHE A 187 9.01 -10.32 -16.71
N TRP A 188 8.53 -9.12 -17.02
CA TRP A 188 8.33 -8.05 -16.05
C TRP A 188 9.63 -7.58 -15.38
N GLN A 189 10.75 -7.76 -16.08
CA GLN A 189 11.98 -7.06 -15.70
C GLN A 189 11.75 -5.56 -15.82
N GLY A 190 11.04 -5.19 -16.87
CA GLY A 190 10.75 -3.79 -17.14
C GLY A 190 11.77 -3.22 -18.11
N GLN A 191 11.47 -2.05 -18.67
CA GLN A 191 12.29 -1.47 -19.71
C GLN A 191 12.06 0.02 -19.87
N ILE A 192 13.10 0.75 -20.29
CA ILE A 192 12.99 2.16 -20.64
C ILE A 192 13.31 2.30 -22.12
N LEU A 193 12.45 2.98 -22.86
CA LEU A 193 12.67 3.24 -24.28
C LEU A 193 12.61 4.74 -24.53
N SER A 194 13.36 5.18 -25.54
CA SER A 194 13.47 6.62 -25.78
C SER A 194 13.95 6.92 -27.20
N ALA A 195 13.28 7.87 -27.83
CA ALA A 195 13.66 8.35 -29.16
C ALA A 195 13.25 9.80 -29.31
N THR A 196 13.96 10.52 -30.18
CA THR A 196 13.59 11.89 -30.50
C THR A 196 12.40 11.86 -31.44
N GLN A 197 11.63 12.94 -31.45
CA GLN A 197 10.47 13.05 -32.33
C GLN A 197 10.89 12.90 -33.79
N GLU A 198 12.10 13.36 -34.11
CA GLU A 198 12.64 13.26 -35.45
C GLU A 198 12.81 11.80 -35.88
N GLN A 199 13.44 11.00 -35.02
CA GLN A 199 13.71 9.59 -35.33
C GLN A 199 12.41 8.82 -35.52
N ILE A 200 11.42 9.12 -34.70
CA ILE A 200 10.11 8.48 -34.80
C ILE A 200 9.46 8.80 -36.15
N ALA A 201 9.62 10.03 -36.61
CA ALA A 201 8.98 10.48 -37.84
C ALA A 201 9.71 9.97 -39.08
N GLU A 202 11.04 9.94 -39.02
CA GLU A 202 11.84 9.53 -40.17
C GLU A 202 11.84 8.02 -40.40
N SER A 203 11.02 7.30 -39.65
CA SER A 203 10.90 5.86 -39.81
C SER A 203 9.44 5.41 -39.76
N TYR A 204 8.53 6.37 -39.68
CA TYR A 204 7.10 6.09 -39.59
C TYR A 204 6.60 5.41 -40.86
N TYR A 205 5.81 4.35 -40.69
CA TYR A 205 5.36 3.54 -41.82
C TYR A 205 4.16 2.66 -41.46
N PRO A 206 2.97 3.27 -41.37
CA PRO A 206 1.71 2.64 -40.93
C PRO A 206 1.38 1.29 -41.57
N GLU A 207 1.87 1.04 -42.78
CA GLU A 207 1.55 -0.19 -43.49
C GLU A 207 2.01 -1.44 -42.73
N TYR A 208 3.18 -1.34 -42.10
CA TYR A 208 3.74 -2.45 -41.35
C TYR A 208 3.67 -2.15 -39.85
N LEU A 209 2.92 -2.97 -39.13
CA LEU A 209 2.64 -2.74 -37.71
C LEU A 209 3.91 -2.67 -36.86
N ILE A 210 4.81 -3.64 -37.04
CA ILE A 210 6.07 -3.64 -36.32
C ILE A 210 6.99 -2.56 -36.89
N ASN A 211 7.11 -1.45 -36.18
CA ASN A 211 8.00 -0.37 -36.60
C ASN A 211 9.29 -0.42 -35.82
N LEU A 212 10.38 -0.06 -36.49
CA LEU A 212 11.69 -0.05 -35.88
C LEU A 212 12.36 1.32 -36.08
N VAL A 213 12.25 2.15 -35.05
CA VAL A 213 12.91 3.44 -35.04
C VAL A 213 14.42 3.25 -34.98
N GLN A 214 15.11 3.81 -35.96
CA GLN A 214 16.57 3.74 -35.98
C GLN A 214 17.16 4.75 -35.01
N GLY A 215 18.05 4.28 -34.14
CA GLY A 215 18.73 5.14 -33.18
C GLY A 215 18.04 5.18 -31.83
N GLN A 216 17.06 4.30 -31.65
CA GLN A 216 16.29 4.24 -30.41
C GLN A 216 17.17 3.74 -29.26
N LEU A 217 17.07 4.44 -28.12
CA LEU A 217 17.75 4.02 -26.90
C LEU A 217 16.84 3.15 -26.06
N GLN A 218 17.35 2.03 -25.56
CA GLN A 218 16.56 1.15 -24.72
C GLN A 218 17.42 0.21 -23.90
N THR A 219 17.02 0.02 -22.65
CA THR A 219 17.68 -0.93 -21.76
C THR A 219 17.51 -2.34 -22.32
N ARG A 220 18.46 -3.22 -22.05
CA ARG A 220 18.43 -4.57 -22.60
C ARG A 220 17.98 -5.59 -21.56
N GLN A 221 17.69 -6.80 -22.03
CA GLN A 221 17.27 -7.87 -21.15
C GLN A 221 18.42 -8.36 -20.27
N ALA A 222 18.10 -8.67 -19.01
CA ALA A 222 19.07 -9.23 -18.07
C ALA A 222 18.74 -10.68 -17.78
N SER A 223 19.48 -11.32 -16.89
CA SER A 223 19.22 -12.70 -16.53
C SER A 223 17.91 -12.81 -15.75
N SER A 224 17.36 -14.02 -15.68
CA SER A 224 16.03 -14.24 -15.13
C SER A 224 15.89 -13.88 -13.65
N ILE A 225 17.03 -13.66 -12.97
CA ILE A 225 17.00 -13.30 -11.56
C ILE A 225 16.41 -11.90 -11.36
N TYR A 226 16.28 -11.16 -12.46
CA TYR A 226 15.77 -9.80 -12.41
C TYR A 226 14.31 -9.72 -12.82
N ASP A 227 13.72 -10.86 -13.19
CA ASP A 227 12.31 -10.91 -13.53
C ASP A 227 11.46 -10.32 -12.40
N ASP A 228 10.29 -9.77 -12.76
CA ASP A 228 9.35 -9.22 -11.79
C ASP A 228 9.92 -8.05 -10.99
N SER A 229 10.49 -7.07 -11.71
CA SER A 229 11.06 -5.88 -11.09
C SER A 229 10.23 -4.63 -11.37
N TYR A 230 9.51 -4.62 -12.49
CA TYR A 230 8.68 -3.50 -12.93
C TYR A 230 9.49 -2.21 -13.17
N LEU A 231 10.67 -2.32 -13.75
CA LEU A 231 11.40 -1.14 -14.21
C LEU A 231 10.57 -0.36 -15.21
N GLY A 232 10.39 0.94 -14.97
CA GLY A 232 9.60 1.79 -15.82
C GLY A 232 8.18 1.96 -15.31
N TYR A 233 7.95 1.58 -14.06
CA TYR A 233 6.64 1.74 -13.44
C TYR A 233 6.32 3.23 -13.33
N SER A 234 7.35 4.00 -12.98
CA SER A 234 7.26 5.46 -12.95
C SER A 234 8.49 6.02 -13.66
N VAL A 235 8.43 7.29 -14.04
CA VAL A 235 9.54 7.91 -14.77
C VAL A 235 9.59 9.43 -14.59
N ALA A 236 10.80 9.97 -14.57
CA ALA A 236 11.02 11.41 -14.50
C ALA A 236 12.29 11.77 -15.24
N VAL A 237 12.59 13.06 -15.35
CA VAL A 237 13.81 13.52 -16.00
C VAL A 237 14.44 14.67 -15.24
N GLY A 238 15.77 14.73 -15.30
CA GLY A 238 16.55 15.77 -14.66
C GLY A 238 18.02 15.56 -14.98
N GLU A 239 18.85 16.54 -14.63
CA GLU A 239 20.28 16.43 -14.91
C GLU A 239 21.05 15.94 -13.67
N PHE A 240 21.66 14.77 -13.80
CA PHE A 240 22.39 14.14 -12.71
C PHE A 240 23.78 13.64 -13.13
N SER A 241 24.16 13.89 -14.39
CA SER A 241 25.39 13.32 -14.95
C SER A 241 26.45 14.37 -15.27
N GLY A 242 26.17 15.63 -14.94
CA GLY A 242 27.15 16.69 -15.09
C GLY A 242 27.35 17.19 -16.51
N ASP A 243 26.31 17.10 -17.33
CA ASP A 243 26.35 17.66 -18.69
C ASP A 243 25.08 18.48 -18.94
N ASP A 244 24.69 18.61 -20.20
CA ASP A 244 23.50 19.38 -20.57
C ASP A 244 22.42 18.51 -21.21
N THR A 245 22.60 17.20 -21.16
CA THR A 245 21.60 16.25 -21.65
C THR A 245 20.89 15.59 -20.48
N GLU A 246 19.61 15.93 -20.30
CA GLU A 246 18.83 15.42 -19.17
C GLU A 246 18.85 13.89 -19.09
N ASP A 247 18.80 13.39 -17.86
CA ASP A 247 18.92 11.96 -17.59
C ASP A 247 17.57 11.36 -17.19
N PHE A 248 17.46 10.03 -17.26
CA PHE A 248 16.20 9.34 -17.02
C PHE A 248 16.11 8.77 -15.61
N VAL A 249 15.15 9.26 -14.83
CA VAL A 249 14.86 8.69 -13.51
C VAL A 249 13.76 7.66 -13.66
N ALA A 250 13.97 6.45 -13.14
CA ALA A 250 13.04 5.35 -13.32
C ALA A 250 12.85 4.52 -12.06
N GLY A 251 11.60 4.28 -11.70
CA GLY A 251 11.26 3.46 -10.56
C GLY A 251 11.29 1.97 -10.87
N VAL A 252 11.85 1.20 -9.95
CA VAL A 252 11.87 -0.25 -10.03
C VAL A 252 11.26 -0.80 -8.73
N PRO A 253 9.95 -0.60 -8.55
CA PRO A 253 9.27 -0.80 -7.26
C PRO A 253 9.35 -2.20 -6.65
N LYS A 254 9.53 -3.24 -7.47
CA LYS A 254 9.58 -4.59 -6.94
C LYS A 254 10.97 -5.24 -7.05
N GLY A 255 11.97 -4.45 -7.44
CA GLY A 255 13.34 -4.95 -7.50
C GLY A 255 13.91 -5.21 -6.11
N ASN A 256 15.01 -5.94 -6.07
CA ASN A 256 15.67 -6.30 -4.80
C ASN A 256 14.69 -6.84 -3.76
N LEU A 257 14.22 -8.06 -3.97
CA LEU A 257 13.34 -8.75 -3.02
C LEU A 257 12.13 -7.89 -2.62
N THR A 258 11.64 -7.08 -3.55
CA THR A 258 10.47 -6.23 -3.33
C THR A 258 10.73 -5.10 -2.33
N TYR A 259 11.99 -4.87 -1.97
CA TYR A 259 12.32 -3.67 -1.22
C TYR A 259 12.27 -2.48 -2.16
N GLY A 260 12.41 -2.76 -3.45
CA GLY A 260 12.30 -1.75 -4.48
C GLY A 260 13.55 -0.90 -4.57
N TYR A 261 13.72 -0.24 -5.72
CA TYR A 261 14.78 0.73 -5.88
C TYR A 261 14.48 1.65 -7.04
N VAL A 262 15.10 2.83 -7.02
CA VAL A 262 15.02 3.79 -8.13
C VAL A 262 16.39 3.83 -8.80
N THR A 263 16.39 4.02 -10.12
CA THR A 263 17.63 4.06 -10.89
C THR A 263 17.66 5.30 -11.77
N ILE A 264 18.87 5.83 -11.97
CA ILE A 264 19.08 6.97 -12.86
C ILE A 264 19.98 6.55 -14.02
N LEU A 265 19.51 6.81 -15.23
CA LEU A 265 20.20 6.35 -16.44
C LEU A 265 20.78 7.53 -17.20
N ASN A 266 22.01 7.35 -17.69
CA ASN A 266 22.69 8.35 -18.50
C ASN A 266 21.87 8.68 -19.74
N GLY A 267 21.45 9.94 -19.85
CA GLY A 267 20.54 10.36 -20.89
C GLY A 267 21.01 10.16 -22.32
N SER A 268 22.32 9.98 -22.50
CA SER A 268 22.89 9.85 -23.83
C SER A 268 22.93 8.40 -24.33
N ASP A 269 23.34 7.48 -23.45
CA ASP A 269 23.45 6.06 -23.82
C ASP A 269 22.74 5.15 -22.81
N ILE A 270 21.76 5.72 -22.12
CA ILE A 270 20.85 4.99 -21.22
C ILE A 270 21.54 3.99 -20.27
N ARG A 271 22.82 4.22 -19.96
CA ARG A 271 23.54 3.35 -19.03
C ARG A 271 23.42 3.82 -17.58
N SER A 272 23.50 2.87 -16.65
CA SER A 272 23.16 3.14 -15.24
C SER A 272 24.19 4.02 -14.54
N LEU A 273 23.69 5.01 -13.79
CA LEU A 273 24.54 5.94 -13.06
C LEU A 273 24.38 5.83 -11.54
N TYR A 274 23.14 5.66 -11.08
CA TYR A 274 22.84 5.58 -9.65
C TYR A 274 21.80 4.51 -9.35
N ASN A 275 21.79 4.07 -8.10
CA ASN A 275 20.75 3.19 -7.56
C ASN A 275 20.43 3.62 -6.15
N PHE A 276 19.14 3.67 -5.82
CA PHE A 276 18.69 4.01 -4.48
C PHE A 276 17.66 3.00 -4.01
N SER A 277 17.88 2.42 -2.83
CA SER A 277 17.05 1.34 -2.34
C SER A 277 15.97 1.79 -1.36
N GLY A 278 14.84 1.09 -1.35
CA GLY A 278 13.82 1.26 -0.33
C GLY A 278 14.26 0.65 0.99
N GLU A 279 13.53 0.96 2.07
CA GLU A 279 13.93 0.53 3.41
C GLU A 279 12.99 -0.53 4.01
N GLN A 280 11.83 -0.72 3.40
CA GLN A 280 10.85 -1.69 3.89
C GLN A 280 10.28 -2.53 2.76
N MET A 281 10.01 -3.80 3.04
CA MET A 281 9.46 -4.70 2.04
C MET A 281 8.06 -4.29 1.59
N ALA A 282 7.89 -4.18 0.27
CA ALA A 282 6.60 -3.95 -0.37
C ALA A 282 5.99 -2.60 0.00
N SER A 283 6.85 -1.61 0.24
CA SER A 283 6.39 -0.25 0.45
C SER A 283 6.12 0.45 -0.89
N TYR A 284 6.37 -0.25 -1.98
CA TYR A 284 6.30 0.30 -3.34
C TYR A 284 7.14 1.57 -3.46
N PHE A 285 8.35 1.51 -2.92
CA PHE A 285 9.38 2.51 -3.15
C PHE A 285 9.67 2.59 -4.63
N GLY A 286 9.24 3.68 -5.26
CA GLY A 286 9.38 3.87 -6.69
C GLY A 286 8.04 3.96 -7.41
N TYR A 287 6.96 3.93 -6.64
CA TYR A 287 5.62 4.09 -7.20
C TYR A 287 5.53 5.36 -8.03
N ALA A 288 6.15 6.43 -7.54
CA ALA A 288 6.22 7.70 -8.25
C ALA A 288 7.58 8.33 -8.00
N VAL A 289 8.10 9.04 -9.00
CA VAL A 289 9.38 9.72 -8.89
C VAL A 289 9.31 11.09 -9.53
N ALA A 290 10.23 11.97 -9.14
CA ALA A 290 10.30 13.31 -9.68
C ALA A 290 11.69 13.91 -9.46
N ALA A 291 12.01 14.95 -10.23
CA ALA A 291 13.30 15.60 -10.14
C ALA A 291 13.16 17.11 -10.21
N THR A 292 13.72 17.80 -9.22
CA THR A 292 13.71 19.25 -9.18
C THR A 292 14.63 19.75 -8.08
N ASP A 293 15.24 20.92 -8.29
CA ASP A 293 16.10 21.53 -7.29
C ASP A 293 15.26 22.21 -6.22
N VAL A 294 15.29 21.68 -5.00
CA VAL A 294 14.43 22.17 -3.92
C VAL A 294 15.18 23.01 -2.89
N ASN A 295 16.41 23.41 -3.19
CA ASN A 295 17.19 24.24 -2.28
C ASN A 295 18.03 25.29 -2.99
N GLY A 296 17.60 25.67 -4.19
CA GLY A 296 18.18 26.77 -4.93
C GLY A 296 19.69 26.78 -5.01
N ASP A 297 20.27 25.72 -5.58
CA ASP A 297 21.71 25.64 -5.76
C ASP A 297 22.06 25.23 -7.19
N GLY A 298 21.05 25.09 -8.03
CA GLY A 298 21.25 24.79 -9.45
C GLY A 298 21.24 23.31 -9.78
N LEU A 299 21.39 22.46 -8.77
CA LEU A 299 21.47 21.02 -8.99
C LEU A 299 20.14 20.33 -8.68
N ASP A 300 19.61 19.61 -9.66
CA ASP A 300 18.34 18.91 -9.50
C ASP A 300 18.43 17.84 -8.42
N ASP A 301 17.41 17.76 -7.59
CA ASP A 301 17.35 16.80 -6.49
C ASP A 301 16.32 15.71 -6.77
N LEU A 302 16.53 14.53 -6.19
CA LEU A 302 15.67 13.38 -6.45
C LEU A 302 14.58 13.25 -5.39
N LEU A 303 13.38 12.87 -5.84
CA LEU A 303 12.28 12.56 -4.93
C LEU A 303 11.66 11.20 -5.28
N VAL A 304 11.31 10.42 -4.28
CA VAL A 304 10.75 9.09 -4.47
C VAL A 304 9.59 8.85 -3.51
N GLY A 305 8.52 8.25 -4.03
CA GLY A 305 7.34 7.96 -3.23
C GLY A 305 7.19 6.48 -2.89
N ALA A 306 6.90 6.20 -1.63
CA ALA A 306 6.59 4.84 -1.18
C ALA A 306 5.26 4.86 -0.42
N PRO A 307 4.14 4.87 -1.16
CA PRO A 307 2.82 5.09 -0.55
C PRO A 307 2.32 3.97 0.38
N LEU A 308 2.96 2.80 0.36
CA LEU A 308 2.54 1.70 1.22
C LEU A 308 3.46 1.54 2.44
N LEU A 309 4.33 2.52 2.67
CA LEU A 309 5.22 2.49 3.83
C LEU A 309 4.40 2.41 5.11
N MET A 310 4.62 1.33 5.86
CA MET A 310 3.93 1.08 7.11
C MET A 310 4.80 1.53 8.29
N ASP A 311 4.20 2.20 9.26
CA ASP A 311 4.91 2.66 10.45
C ASP A 311 4.13 2.39 11.73
N ARG A 312 4.78 2.64 12.86
CA ARG A 312 4.24 2.33 14.18
C ARG A 312 3.87 3.61 14.93
N THR A 313 2.72 3.60 15.57
CA THR A 313 2.30 4.72 16.41
C THR A 313 2.93 4.60 17.80
N PRO A 314 2.95 5.71 18.57
CA PRO A 314 3.53 5.70 19.91
C PRO A 314 2.96 4.62 20.84
N ASP A 315 1.69 4.26 20.66
CA ASP A 315 1.04 3.27 21.51
C ASP A 315 1.17 1.85 20.96
N GLY A 316 2.00 1.69 19.93
CA GLY A 316 2.38 0.38 19.43
C GLY A 316 1.42 -0.24 18.44
N ARG A 317 0.78 0.58 17.62
CA ARG A 317 -0.13 0.09 16.58
C ARG A 317 0.44 0.35 15.19
N PRO A 318 0.46 -0.68 14.31
CA PRO A 318 0.96 -0.45 12.96
C PRO A 318 -0.05 0.28 12.09
N GLN A 319 0.41 0.98 11.05
CA GLN A 319 -0.50 1.67 10.15
C GLN A 319 0.15 2.07 8.84
N GLU A 320 -0.58 1.83 7.75
CA GLU A 320 -0.14 2.21 6.42
C GLU A 320 -0.33 3.72 6.22
N VAL A 321 0.76 4.46 6.12
CA VAL A 321 0.67 5.92 5.95
C VAL A 321 1.35 6.41 4.66
N GLY A 322 2.45 5.75 4.30
CA GLY A 322 3.21 6.14 3.12
C GLY A 322 4.33 7.11 3.49
N ARG A 323 5.29 7.27 2.59
CA ARG A 323 6.44 8.13 2.85
C ARG A 323 7.11 8.58 1.56
N VAL A 324 7.75 9.75 1.61
CA VAL A 324 8.50 10.30 0.48
C VAL A 324 9.95 10.57 0.88
N TYR A 325 10.87 10.14 0.02
CA TYR A 325 12.31 10.26 0.29
C TYR A 325 12.93 11.29 -0.63
N VAL A 326 13.80 12.14 -0.08
CA VAL A 326 14.44 13.22 -0.83
C VAL A 326 15.96 13.12 -0.76
N TYR A 327 16.58 12.93 -1.91
CA TYR A 327 18.03 12.86 -2.04
C TYR A 327 18.55 14.12 -2.71
N LEU A 328 19.41 14.87 -2.02
CA LEU A 328 19.97 16.10 -2.58
C LEU A 328 21.25 15.82 -3.37
N GLN A 329 21.39 16.50 -4.49
CA GLN A 329 22.57 16.35 -5.34
C GLN A 329 23.63 17.38 -4.98
N HIS A 330 24.88 16.93 -4.95
CA HIS A 330 26.02 17.81 -4.70
C HIS A 330 26.95 17.74 -5.91
N PRO A 331 27.95 18.63 -5.96
CA PRO A 331 28.92 18.57 -7.05
C PRO A 331 29.64 17.22 -7.12
N ALA A 332 29.82 16.59 -5.96
CA ALA A 332 30.53 15.32 -5.90
C ALA A 332 29.64 14.16 -6.36
N GLY A 333 28.34 14.29 -6.14
CA GLY A 333 27.40 13.26 -6.54
C GLY A 333 26.12 13.29 -5.72
N ILE A 334 25.63 12.10 -5.35
CA ILE A 334 24.44 11.97 -4.53
C ILE A 334 24.65 10.89 -3.47
N GLU A 335 24.33 11.22 -2.22
CA GLU A 335 24.47 10.25 -1.13
C GLU A 335 23.47 9.11 -1.27
N PRO A 336 23.91 7.86 -0.99
CA PRO A 336 23.01 6.71 -1.12
C PRO A 336 21.79 6.77 -0.22
N THR A 337 21.89 7.49 0.90
CA THR A 337 20.81 7.56 1.88
C THR A 337 20.07 8.90 1.78
N PRO A 338 18.76 8.90 2.06
CA PRO A 338 17.96 10.12 1.95
C PRO A 338 18.47 11.27 2.83
N THR A 339 18.28 12.49 2.35
CA THR A 339 18.64 13.67 3.13
C THR A 339 17.54 13.98 4.14
N LEU A 340 16.30 13.77 3.71
CA LEU A 340 15.14 13.93 4.59
C LEU A 340 14.02 13.01 4.12
N THR A 341 12.98 12.88 4.96
CA THR A 341 11.83 12.05 4.62
C THR A 341 10.55 12.71 5.12
N LEU A 342 9.49 12.59 4.32
CA LEU A 342 8.17 13.12 4.65
C LEU A 342 7.20 11.95 4.79
N THR A 343 6.47 11.92 5.90
CA THR A 343 5.58 10.79 6.19
C THR A 343 4.14 11.26 6.36
N GLY A 344 3.21 10.48 5.80
CA GLY A 344 1.80 10.79 5.91
C GLY A 344 1.28 10.57 7.32
N HIS A 345 0.07 11.04 7.58
CA HIS A 345 -0.52 10.96 8.91
C HIS A 345 -1.86 10.22 8.90
N ASP A 346 -2.44 10.08 7.71
CA ASP A 346 -3.72 9.39 7.55
C ASP A 346 -3.49 7.93 7.16
N GLU A 347 -4.08 7.01 7.92
CA GLU A 347 -3.94 5.59 7.64
C GLU A 347 -4.57 5.26 6.29
N PHE A 348 -3.86 4.44 5.51
CA PHE A 348 -4.30 4.03 4.17
C PHE A 348 -4.41 5.21 3.20
N GLY A 349 -3.85 6.36 3.58
CA GLY A 349 -3.94 7.55 2.75
C GLY A 349 -3.09 7.51 1.50
N ARG A 350 -2.14 6.58 1.44
CA ARG A 350 -1.25 6.42 0.29
C ARG A 350 -0.46 7.69 0.00
N PHE A 351 0.06 8.31 1.04
CA PHE A 351 0.90 9.50 0.91
C PHE A 351 2.11 9.22 0.03
N GLY A 352 2.27 10.00 -1.04
CA GLY A 352 3.40 9.85 -1.93
C GLY A 352 3.07 9.05 -3.19
N SER A 353 1.78 8.92 -3.48
CA SER A 353 1.36 8.21 -4.69
C SER A 353 1.58 9.07 -5.93
N SER A 354 1.61 10.38 -5.73
CA SER A 354 1.84 11.32 -6.82
C SER A 354 2.78 12.43 -6.36
N LEU A 355 3.64 12.87 -7.26
CA LEU A 355 4.60 13.93 -6.96
C LEU A 355 4.69 14.87 -8.15
N THR A 356 4.89 16.15 -7.88
CA THR A 356 5.18 17.09 -8.94
C THR A 356 5.96 18.30 -8.42
N PRO A 357 6.95 18.76 -9.20
CA PRO A 357 7.51 20.07 -8.87
C PRO A 357 6.51 21.17 -9.19
N LEU A 358 6.54 22.25 -8.42
CA LEU A 358 5.61 23.36 -8.59
C LEU A 358 6.30 24.59 -9.15
N GLY A 359 7.62 24.55 -9.22
CA GLY A 359 8.39 25.75 -9.45
C GLY A 359 8.39 26.55 -8.17
N ASP A 360 8.75 27.83 -8.25
CA ASP A 360 8.78 28.67 -7.06
C ASP A 360 7.41 29.32 -6.86
N LEU A 361 6.60 28.69 -6.02
CA LEU A 361 5.21 29.11 -5.82
C LEU A 361 5.11 30.52 -5.24
N ASP A 362 5.99 30.84 -4.30
CA ASP A 362 5.94 32.12 -3.59
C ASP A 362 7.04 33.09 -4.03
N GLN A 363 7.77 32.72 -5.08
CA GLN A 363 8.83 33.57 -5.62
C GLN A 363 9.87 33.94 -4.57
N ASP A 364 10.16 33.00 -3.67
CA ASP A 364 11.13 33.22 -2.60
C ASP A 364 12.51 32.68 -2.98
N GLY A 365 12.69 32.37 -4.26
CA GLY A 365 13.97 31.89 -4.74
C GLY A 365 14.20 30.40 -4.50
N TYR A 366 13.14 29.70 -4.08
CA TYR A 366 13.23 28.26 -3.84
C TYR A 366 12.03 27.54 -4.42
N ASN A 367 12.29 26.54 -5.26
CA ASN A 367 11.22 25.74 -5.84
C ASN A 367 10.50 24.94 -4.77
N ASP A 368 9.23 24.63 -5.02
CA ASP A 368 8.41 23.93 -4.05
C ASP A 368 7.85 22.64 -4.66
N VAL A 369 7.18 21.84 -3.84
CA VAL A 369 6.78 20.50 -4.23
C VAL A 369 5.39 20.15 -3.72
N ALA A 370 4.60 19.51 -4.57
CA ALA A 370 3.27 19.03 -4.19
C ALA A 370 3.27 17.52 -4.09
N ILE A 371 2.67 16.99 -3.02
CA ILE A 371 2.61 15.56 -2.78
C ILE A 371 1.18 15.14 -2.48
N GLY A 372 0.70 14.14 -3.22
CA GLY A 372 -0.68 13.70 -3.10
C GLY A 372 -0.86 12.44 -2.27
N ALA A 373 -1.89 12.46 -1.42
CA ALA A 373 -2.34 11.30 -0.68
C ALA A 373 -3.80 11.01 -1.08
N PRO A 374 -4.01 10.23 -2.15
CA PRO A 374 -5.32 10.04 -2.78
C PRO A 374 -6.44 9.51 -1.87
N PHE A 375 -6.11 9.09 -0.65
CA PHE A 375 -7.12 8.57 0.27
C PHE A 375 -7.01 9.19 1.66
N GLY A 376 -6.36 10.36 1.74
CA GLY A 376 -6.25 11.08 2.98
C GLY A 376 -7.51 11.90 3.24
N GLY A 377 -7.55 12.57 4.38
CA GLY A 377 -8.68 13.38 4.78
C GLY A 377 -9.62 12.62 5.69
N GLU A 378 -10.54 13.34 6.34
CA GLU A 378 -11.46 12.73 7.29
C GLU A 378 -12.49 11.84 6.61
N THR A 379 -12.70 12.07 5.31
CA THR A 379 -13.69 11.31 4.54
C THR A 379 -13.03 10.50 3.42
N GLN A 380 -11.70 10.46 3.42
CA GLN A 380 -10.93 9.70 2.45
C GLN A 380 -11.26 10.09 1.01
N GLN A 381 -11.41 11.39 0.77
CA GLN A 381 -11.65 11.91 -0.57
C GLN A 381 -10.35 12.21 -1.29
N GLY A 382 -9.27 12.36 -0.52
CA GLY A 382 -7.95 12.64 -1.07
C GLY A 382 -7.44 14.01 -0.62
N VAL A 383 -6.12 14.15 -0.58
CA VAL A 383 -5.48 15.38 -0.12
C VAL A 383 -4.21 15.65 -0.94
N VAL A 384 -3.91 16.94 -1.12
CA VAL A 384 -2.63 17.34 -1.72
C VAL A 384 -1.91 18.29 -0.76
N PHE A 385 -0.66 17.95 -0.45
CA PHE A 385 0.17 18.74 0.44
C PHE A 385 1.21 19.52 -0.36
N VAL A 386 1.36 20.81 -0.05
CA VAL A 386 2.41 21.63 -0.64
C VAL A 386 3.53 21.84 0.36
N PHE A 387 4.76 21.46 -0.04
CA PHE A 387 5.93 21.63 0.81
C PHE A 387 6.87 22.68 0.25
N PRO A 388 7.34 23.62 1.11
CA PRO A 388 8.19 24.69 0.61
C PRO A 388 9.66 24.33 0.59
N GLY A 389 10.35 24.68 -0.50
CA GLY A 389 11.80 24.52 -0.57
C GLY A 389 12.49 25.65 0.19
N GLY A 390 13.71 25.39 0.62
CA GLY A 390 14.45 26.38 1.39
C GLY A 390 15.93 26.06 1.45
N PRO A 391 16.68 26.84 2.24
CA PRO A 391 18.13 26.67 2.39
C PRO A 391 18.55 25.23 2.64
N GLY A 392 17.72 24.47 3.34
CA GLY A 392 18.04 23.09 3.68
C GLY A 392 17.03 22.09 3.15
N GLY A 393 16.60 22.27 1.91
CA GLY A 393 15.66 21.36 1.27
C GLY A 393 14.21 21.61 1.65
N LEU A 394 13.37 20.62 1.44
CA LEU A 394 11.95 20.75 1.73
C LEU A 394 11.69 20.90 3.23
N GLY A 395 10.79 21.81 3.58
CA GLY A 395 10.43 22.01 4.96
C GLY A 395 9.66 20.81 5.50
N SER A 396 9.80 20.57 6.80
CA SER A 396 9.14 19.44 7.44
C SER A 396 7.63 19.58 7.36
N LYS A 397 7.13 20.78 7.62
CA LYS A 397 5.69 21.06 7.59
C LYS A 397 5.26 21.53 6.21
N PRO A 398 4.06 21.13 5.77
CA PRO A 398 3.52 21.63 4.50
C PRO A 398 2.99 23.05 4.62
N SER A 399 3.19 23.87 3.61
CA SER A 399 2.75 25.26 3.65
C SER A 399 1.25 25.36 3.36
N GLN A 400 0.73 24.40 2.60
CA GLN A 400 -0.67 24.42 2.20
C GLN A 400 -1.22 23.00 2.04
N VAL A 401 -2.53 22.86 2.24
CA VAL A 401 -3.20 21.57 2.16
C VAL A 401 -4.48 21.69 1.34
N LEU A 402 -4.47 21.15 0.13
CA LEU A 402 -5.61 21.26 -0.77
C LEU A 402 -6.54 20.04 -0.69
N GLN A 403 -7.78 20.29 -0.31
CA GLN A 403 -8.80 19.23 -0.24
C GLN A 403 -9.98 19.56 -1.14
N PRO A 404 -10.66 18.54 -1.66
CA PRO A 404 -11.82 18.81 -2.52
C PRO A 404 -12.95 19.48 -1.75
N LEU A 405 -13.66 20.40 -2.40
CA LEU A 405 -14.70 21.17 -1.73
C LEU A 405 -16.03 20.44 -1.76
N TRP A 406 -16.20 19.53 -2.73
CA TRP A 406 -17.45 18.79 -2.85
C TRP A 406 -17.54 17.69 -1.81
N ALA A 407 -18.76 17.22 -1.53
CA ALA A 407 -18.99 16.22 -0.50
C ALA A 407 -18.61 14.83 -0.98
N ALA A 408 -18.43 13.91 -0.04
CA ALA A 408 -18.02 12.55 -0.37
C ALA A 408 -19.19 11.74 -0.89
N SER A 409 -19.08 11.27 -2.12
CA SER A 409 -20.07 10.38 -2.70
C SER A 409 -19.85 8.96 -2.18
N HIS A 410 -20.44 7.97 -2.86
CA HIS A 410 -20.35 6.58 -2.41
C HIS A 410 -19.15 5.86 -3.02
N THR A 411 -18.30 6.60 -3.73
CA THR A 411 -17.05 6.06 -4.24
C THR A 411 -15.93 7.07 -4.02
N PRO A 412 -14.67 6.58 -3.95
CA PRO A 412 -13.53 7.48 -3.73
C PRO A 412 -13.35 8.50 -4.86
N ASP A 413 -12.86 9.68 -4.53
CA ASP A 413 -12.64 10.73 -5.52
C ASP A 413 -11.26 10.61 -6.16
N PHE A 414 -10.32 9.98 -5.45
CA PHE A 414 -8.93 9.89 -5.88
C PHE A 414 -8.32 11.28 -6.09
N PHE A 415 -8.74 12.22 -5.25
CA PHE A 415 -8.24 13.59 -5.36
C PHE A 415 -6.76 13.63 -5.02
N GLY A 416 -5.95 14.02 -6.00
CA GLY A 416 -4.51 14.13 -5.81
C GLY A 416 -3.76 12.91 -6.30
N SER A 417 -4.42 12.06 -7.07
CA SER A 417 -3.77 10.88 -7.65
C SER A 417 -2.99 11.26 -8.90
N ALA A 418 -3.35 12.39 -9.49
CA ALA A 418 -2.64 12.92 -10.65
C ALA A 418 -2.38 14.40 -10.45
N LEU A 419 -1.12 14.81 -10.57
CA LEU A 419 -0.71 16.20 -10.35
C LEU A 419 0.15 16.72 -11.49
N ARG A 420 0.21 18.04 -11.63
CA ARG A 420 1.08 18.68 -12.60
C ARG A 420 1.19 20.17 -12.31
N GLY A 421 2.40 20.65 -12.11
CA GLY A 421 2.65 22.04 -11.78
C GLY A 421 3.86 22.61 -12.49
N GLY A 422 4.27 23.82 -12.08
CA GLY A 422 5.47 24.44 -12.62
C GLY A 422 5.23 25.24 -13.89
N ARG A 423 3.98 25.60 -14.14
CA ARG A 423 3.62 26.35 -15.34
C ARG A 423 2.59 27.43 -15.01
N ASP A 424 2.85 28.65 -15.48
CA ASP A 424 1.96 29.78 -15.26
C ASP A 424 1.08 29.99 -16.49
N LEU A 425 -0.13 29.44 -16.45
CA LEU A 425 -1.01 29.49 -17.61
C LEU A 425 -1.71 30.84 -17.75
N ASP A 426 -2.16 31.41 -16.64
CA ASP A 426 -2.87 32.69 -16.68
C ASP A 426 -1.89 33.83 -17.00
N GLY A 427 -0.64 33.66 -16.57
CA GLY A 427 0.41 34.60 -16.91
C GLY A 427 0.60 35.70 -15.86
N ASN A 428 0.18 35.42 -14.63
CA ASN A 428 0.30 36.41 -13.56
C ASN A 428 1.69 36.42 -12.93
N GLY A 429 2.61 35.62 -13.49
CA GLY A 429 3.96 35.56 -12.98
C GLY A 429 4.10 34.61 -11.81
N TYR A 430 3.07 33.79 -11.59
CA TYR A 430 3.08 32.81 -10.51
C TYR A 430 2.62 31.45 -11.02
N PRO A 431 3.34 30.37 -10.66
CA PRO A 431 3.04 29.04 -11.20
C PRO A 431 1.71 28.48 -10.72
N ASP A 432 1.14 27.54 -11.48
CA ASP A 432 -0.18 27.00 -11.20
C ASP A 432 -0.16 25.48 -11.10
N LEU A 433 -1.17 24.94 -10.41
CA LEU A 433 -1.24 23.50 -10.13
C LEU A 433 -2.52 22.89 -10.67
N ILE A 434 -2.38 21.76 -11.36
CA ILE A 434 -3.53 20.99 -11.85
C ILE A 434 -3.67 19.71 -11.06
N VAL A 435 -4.72 19.63 -10.26
CA VAL A 435 -5.01 18.44 -9.46
C VAL A 435 -6.13 17.63 -10.09
N GLY A 436 -5.85 16.36 -10.37
CA GLY A 436 -6.86 15.46 -10.90
C GLY A 436 -7.64 14.81 -9.80
N SER A 437 -8.79 14.24 -10.15
CA SER A 437 -9.62 13.50 -9.20
C SER A 437 -10.58 12.64 -9.99
N PHE A 438 -10.04 11.60 -10.65
CA PHE A 438 -10.79 10.82 -11.61
C PHE A 438 -11.89 10.00 -10.97
N GLY A 439 -11.88 9.91 -9.64
CA GLY A 439 -12.89 9.14 -8.92
C GLY A 439 -14.29 9.63 -9.19
N VAL A 440 -14.44 10.95 -9.31
CA VAL A 440 -15.72 11.56 -9.64
C VAL A 440 -15.63 12.27 -11.00
N ASP A 441 -14.70 11.83 -11.82
CA ASP A 441 -14.53 12.34 -13.19
C ASP A 441 -14.39 13.85 -13.21
N LYS A 442 -13.55 14.39 -12.33
CA LYS A 442 -13.28 15.82 -12.27
C LYS A 442 -11.79 16.09 -12.26
N ALA A 443 -11.43 17.29 -12.70
CA ALA A 443 -10.05 17.76 -12.64
C ALA A 443 -10.04 19.21 -12.19
N VAL A 444 -9.27 19.49 -11.15
CA VAL A 444 -9.22 20.82 -10.55
C VAL A 444 -7.92 21.53 -10.93
N VAL A 445 -8.00 22.84 -11.11
CA VAL A 445 -6.80 23.64 -11.34
C VAL A 445 -6.74 24.77 -10.30
N TYR A 446 -5.63 24.81 -9.58
CA TYR A 446 -5.41 25.83 -8.56
C TYR A 446 -4.53 26.93 -9.12
N ARG A 447 -4.68 28.14 -8.59
CA ARG A 447 -4.05 29.33 -9.15
C ARG A 447 -3.34 30.15 -8.08
N GLY A 448 -2.08 30.48 -8.32
CA GLY A 448 -1.28 31.22 -7.37
C GLY A 448 -1.57 32.70 -7.38
N ARG A 449 -1.17 33.38 -6.30
CA ARG A 449 -1.39 34.81 -6.15
C ARG A 449 -0.17 35.44 -5.48
N PRO A 450 0.05 36.75 -5.68
CA PRO A 450 1.15 37.40 -4.96
C PRO A 450 0.88 37.48 -3.47
N GLU B 4 12.59 26.31 44.19
CA GLU B 4 11.75 26.71 43.07
C GLU B 4 11.22 25.49 42.33
N ASN B 5 10.41 24.67 43.01
CA ASN B 5 9.81 23.52 42.37
C ASN B 5 8.75 23.96 41.36
N ARG B 6 8.21 23.00 40.63
CA ARG B 6 7.27 23.28 39.55
C ARG B 6 5.92 23.76 40.09
N CYS B 7 5.53 23.25 41.26
CA CYS B 7 4.24 23.57 41.85
C CYS B 7 4.09 25.07 42.10
N LEU B 8 5.12 25.68 42.67
CA LEU B 8 5.09 27.10 42.98
C LEU B 8 5.18 27.94 41.71
N LYS B 9 6.06 27.54 40.80
CA LYS B 9 6.29 28.31 39.58
C LYS B 9 5.29 27.93 38.48
N ALA B 10 4.01 27.85 38.85
CA ALA B 10 2.94 27.60 37.91
C ALA B 10 1.71 28.46 38.21
N ASN B 11 1.80 29.23 39.30
CA ASN B 11 0.73 30.10 39.78
C ASN B 11 -0.69 29.57 39.58
N ALA B 12 -1.00 28.49 40.32
CA ALA B 12 -2.34 27.93 40.30
C ALA B 12 -3.34 28.92 40.90
N LYS B 13 -4.25 29.39 40.07
CA LYS B 13 -5.25 30.36 40.50
C LYS B 13 -6.30 29.70 41.41
N SER B 14 -6.52 28.41 41.21
CA SER B 14 -7.49 27.66 42.00
C SER B 14 -6.97 26.26 42.31
N CYS B 15 -7.81 25.47 42.98
CA CYS B 15 -7.42 24.12 43.37
C CYS B 15 -7.35 23.20 42.16
N GLY B 16 -8.28 23.38 41.23
CA GLY B 16 -8.35 22.56 40.04
C GLY B 16 -7.11 22.68 39.18
N GLU B 17 -6.56 23.89 39.08
CA GLU B 17 -5.35 24.13 38.31
C GLU B 17 -4.14 23.44 38.95
N CYS B 18 -4.09 23.47 40.28
CA CYS B 18 -2.97 22.91 41.02
C CYS B 18 -2.83 21.42 40.79
N ILE B 19 -3.94 20.75 40.54
CA ILE B 19 -3.95 19.31 40.30
C ILE B 19 -3.42 19.00 38.90
N GLN B 20 -3.94 19.70 37.91
CA GLN B 20 -3.57 19.45 36.52
C GLN B 20 -2.08 19.70 36.29
N ALA B 21 -1.47 20.50 37.16
CA ALA B 21 -0.05 20.82 37.05
C ALA B 21 0.76 20.16 38.16
N GLY B 22 1.28 18.97 37.86
CA GLY B 22 2.14 18.25 38.79
C GLY B 22 1.38 17.27 39.67
N PRO B 23 1.92 16.05 39.85
CA PRO B 23 1.27 15.05 40.72
C PRO B 23 1.64 15.22 42.18
N ASN B 24 2.81 15.76 42.45
CA ASN B 24 3.30 15.93 43.81
C ASN B 24 2.87 17.26 44.43
N CYS B 25 1.86 17.89 43.84
CA CYS B 25 1.36 19.17 44.31
C CYS B 25 0.15 19.01 45.22
N GLY B 26 -0.09 20.01 46.07
CA GLY B 26 -1.24 20.04 46.93
C GLY B 26 -1.74 21.45 47.11
N TRP B 27 -3.05 21.59 47.31
CA TRP B 27 -3.67 22.90 47.49
C TRP B 27 -4.11 23.12 48.93
N CYS B 28 -3.77 24.28 49.48
CA CYS B 28 -4.14 24.62 50.85
C CYS B 28 -5.42 25.47 50.85
N THR B 29 -6.22 25.34 51.90
CA THR B 29 -7.49 26.06 52.01
C THR B 29 -7.66 26.66 53.40
N ASN B 30 -6.61 26.61 54.21
CA ASN B 30 -6.67 27.15 55.55
C ASN B 30 -6.21 28.60 55.57
N SER B 31 -7.05 29.46 56.13
CA SER B 31 -6.72 30.87 56.28
C SER B 31 -5.55 30.99 57.26
N THR B 32 -4.87 32.13 57.22
CA THR B 32 -3.71 32.42 58.07
C THR B 32 -2.44 31.75 57.52
N PHE B 33 -2.59 30.81 56.59
CA PHE B 33 -1.43 30.21 55.94
C PHE B 33 -0.62 31.28 55.23
N LEU B 34 -1.32 32.12 54.48
CA LEU B 34 -0.69 33.18 53.70
C LEU B 34 0.14 34.11 54.57
N GLN B 35 1.37 34.37 54.16
CA GLN B 35 2.15 35.45 54.75
C GLN B 35 1.49 36.75 54.29
N GLU B 36 1.66 37.81 55.07
CA GLU B 36 0.91 39.05 54.88
C GLU B 36 0.98 39.64 53.47
N GLY B 37 1.97 39.20 52.67
CA GLY B 37 2.16 39.75 51.35
C GLY B 37 2.28 38.72 50.24
N MET B 38 1.68 37.54 50.46
CA MET B 38 1.71 36.49 49.44
C MET B 38 0.65 36.70 48.37
N PRO B 39 0.90 36.19 47.16
CA PRO B 39 -0.17 36.05 46.17
C PRO B 39 -0.94 34.75 46.40
N THR B 40 -2.16 34.65 45.89
CA THR B 40 -2.94 33.43 46.01
C THR B 40 -2.23 32.28 45.28
N SER B 41 -1.31 32.65 44.39
CA SER B 41 -0.48 31.68 43.67
C SER B 41 0.60 31.08 44.58
N ALA B 42 0.20 30.58 45.74
CA ALA B 42 1.14 30.00 46.69
C ALA B 42 0.51 28.90 47.54
N ARG B 43 -0.81 28.76 47.47
CA ARG B 43 -1.50 27.69 48.17
C ARG B 43 -1.24 26.36 47.47
N CYS B 44 -0.87 26.44 46.19
CA CYS B 44 -0.42 25.27 45.44
C CYS B 44 1.08 25.11 45.61
N ASP B 45 1.49 23.98 46.19
CA ASP B 45 2.90 23.78 46.53
C ASP B 45 3.18 22.31 46.84
N ASP B 46 4.45 21.94 46.84
CA ASP B 46 4.88 20.59 47.17
C ASP B 46 4.28 20.14 48.49
N LEU B 47 3.82 18.88 48.54
CA LEU B 47 3.12 18.36 49.71
C LEU B 47 3.94 18.46 50.98
N GLU B 48 5.23 18.15 50.88
CA GLU B 48 6.12 18.21 52.03
C GLU B 48 6.47 19.66 52.38
N ALA B 49 6.38 20.54 51.40
CA ALA B 49 6.71 21.94 51.60
C ALA B 49 5.62 22.66 52.39
N LEU B 50 4.37 22.30 52.12
CA LEU B 50 3.24 22.94 52.80
C LEU B 50 3.19 22.59 54.27
N LYS B 51 3.67 21.39 54.62
CA LYS B 51 3.69 20.96 56.00
C LYS B 51 4.67 21.78 56.83
N LYS B 52 5.71 22.28 56.19
CA LYS B 52 6.75 23.05 56.86
C LYS B 52 6.37 24.53 56.94
N LYS B 53 5.71 25.03 55.89
CA LYS B 53 5.30 26.43 55.85
C LYS B 53 4.19 26.74 56.84
N GLY B 54 3.54 25.68 57.34
CA GLY B 54 2.49 25.82 58.33
C GLY B 54 1.11 25.59 57.74
N CYS B 55 0.83 24.34 57.39
CA CYS B 55 -0.46 23.97 56.84
C CYS B 55 -0.84 22.56 57.31
N PRO B 56 -1.86 22.46 58.20
CA PRO B 56 -2.20 21.13 58.71
C PRO B 56 -2.80 20.22 57.64
N PRO B 57 -2.75 18.90 57.86
CA PRO B 57 -3.27 17.93 56.87
C PRO B 57 -4.75 18.12 56.53
N ASP B 58 -5.55 18.48 57.53
CA ASP B 58 -6.99 18.64 57.35
C ASP B 58 -7.32 19.66 56.26
N ASP B 59 -6.41 20.60 56.05
CA ASP B 59 -6.64 21.71 55.12
C ASP B 59 -5.73 21.62 53.89
N ILE B 60 -5.32 20.40 53.54
CA ILE B 60 -4.54 20.14 52.33
C ILE B 60 -5.24 19.10 51.46
N GLU B 61 -5.95 19.58 50.44
CA GLU B 61 -6.60 18.69 49.50
C GLU B 61 -5.59 18.16 48.48
N ASN B 62 -5.59 16.85 48.29
CA ASN B 62 -4.64 16.19 47.41
C ASN B 62 -5.21 14.87 46.88
N PRO B 63 -6.11 14.97 45.89
CA PRO B 63 -6.74 13.76 45.32
C PRO B 63 -5.75 12.83 44.64
N ARG B 64 -5.80 11.55 44.99
CA ARG B 64 -4.91 10.55 44.41
C ARG B 64 -5.71 9.54 43.58
N GLY B 65 -5.12 9.12 42.47
CA GLY B 65 -5.75 8.13 41.61
C GLY B 65 -5.84 6.79 42.30
N SER B 66 -6.95 6.09 42.10
CA SER B 66 -7.17 4.78 42.69
C SER B 66 -7.32 3.72 41.62
N LYS B 67 -7.42 2.47 42.06
CA LYS B 67 -7.54 1.32 41.16
C LYS B 67 -8.63 0.39 41.69
N ASP B 68 -9.66 0.20 40.87
CA ASP B 68 -10.81 -0.63 41.26
C ASP B 68 -11.13 -1.65 40.18
N ILE B 69 -10.94 -2.93 40.51
CA ILE B 69 -11.25 -4.02 39.60
C ILE B 69 -12.75 -4.24 39.59
N LYS B 70 -13.31 -4.51 38.41
CA LYS B 70 -14.75 -4.67 38.25
C LYS B 70 -15.13 -6.09 37.84
N LYS B 71 -14.25 -6.77 37.12
CA LYS B 71 -14.47 -8.16 36.75
C LYS B 71 -13.15 -8.93 36.80
N ASN B 72 -13.10 -9.93 37.67
CA ASN B 72 -11.90 -10.73 37.84
C ASN B 72 -12.22 -12.22 37.92
N LYS B 73 -12.81 -12.74 36.85
CA LYS B 73 -13.05 -14.16 36.72
C LYS B 73 -11.69 -14.87 36.72
N ASN B 74 -11.58 -15.93 37.52
CA ASN B 74 -10.30 -16.63 37.67
C ASN B 74 -9.95 -17.47 36.46
N VAL B 75 -8.66 -17.64 36.25
CA VAL B 75 -8.14 -18.51 35.20
C VAL B 75 -8.58 -19.95 35.46
N THR B 76 -8.83 -20.68 34.37
CA THR B 76 -9.29 -22.06 34.45
C THR B 76 -8.32 -22.94 35.25
N ASN B 77 -8.87 -23.87 36.02
CA ASN B 77 -8.08 -24.81 36.79
C ASN B 77 -8.62 -26.23 36.67
N ARG B 78 -7.82 -27.21 37.07
CA ARG B 78 -8.25 -28.60 37.07
C ARG B 78 -9.34 -28.82 38.12
N SER B 79 -10.59 -28.87 37.67
CA SER B 79 -11.74 -29.01 38.56
C SER B 79 -11.76 -27.93 39.63
N LYS B 85 -15.29 -30.72 28.30
CA LYS B 85 -16.47 -30.50 29.13
C LYS B 85 -16.86 -29.03 29.13
N LEU B 86 -15.87 -28.15 29.11
CA LEU B 86 -16.11 -26.71 29.09
C LEU B 86 -16.02 -26.14 27.68
N LYS B 87 -17.03 -25.36 27.29
CA LYS B 87 -17.01 -24.66 26.02
C LYS B 87 -15.86 -23.66 26.05
N PRO B 88 -15.28 -23.34 24.88
CA PRO B 88 -14.15 -22.40 24.85
C PRO B 88 -14.50 -21.05 25.48
N GLU B 89 -15.76 -20.54 25.51
CA GLU B 89 -16.09 -19.28 26.14
C GLU B 89 -16.13 -19.40 27.67
N ASP B 90 -16.21 -20.64 28.26
CA ASP B 90 -16.10 -20.76 29.71
C ASP B 90 -14.64 -20.79 30.16
N ILE B 91 -13.73 -21.05 29.24
CA ILE B 91 -12.31 -21.12 29.56
C ILE B 91 -11.74 -19.71 29.71
N THR B 92 -10.95 -19.53 30.77
CA THR B 92 -10.31 -18.24 31.07
C THR B 92 -8.80 -18.39 31.00
N GLN B 93 -8.17 -17.60 30.14
CA GLN B 93 -6.72 -17.61 29.99
C GLN B 93 -6.10 -16.29 30.43
N ILE B 94 -6.93 -15.31 30.77
CA ILE B 94 -6.43 -13.99 31.16
C ILE B 94 -7.35 -13.32 32.17
N GLN B 95 -6.75 -12.63 33.14
CA GLN B 95 -7.52 -11.90 34.15
C GLN B 95 -6.71 -10.71 34.69
N PRO B 96 -7.40 -9.65 35.15
CA PRO B 96 -8.85 -9.49 35.17
C PRO B 96 -9.40 -9.15 33.79
N GLN B 97 -10.72 -8.99 33.67
CA GLN B 97 -11.35 -8.72 32.39
C GLN B 97 -11.88 -7.29 32.31
N GLN B 98 -11.96 -6.63 33.46
CA GLN B 98 -12.45 -5.26 33.50
C GLN B 98 -12.02 -4.57 34.79
N LEU B 99 -11.59 -3.32 34.66
CA LEU B 99 -11.23 -2.52 35.83
C LEU B 99 -11.36 -1.03 35.54
N VAL B 100 -11.30 -0.22 36.59
CA VAL B 100 -11.34 1.23 36.47
C VAL B 100 -10.07 1.81 37.08
N LEU B 101 -9.39 2.67 36.31
CA LEU B 101 -8.23 3.40 36.81
C LEU B 101 -8.51 4.89 36.84
N ARG B 102 -8.52 5.46 38.04
CA ARG B 102 -8.66 6.89 38.19
C ARG B 102 -7.28 7.52 38.07
N LEU B 103 -7.15 8.47 37.14
CA LEU B 103 -5.83 8.99 36.77
C LEU B 103 -5.59 10.42 37.22
N ARG B 104 -4.70 10.58 38.19
CA ARG B 104 -4.18 11.89 38.56
C ARG B 104 -3.21 12.33 37.47
N SER B 105 -3.46 13.50 36.88
CA SER B 105 -2.64 14.00 35.79
C SER B 105 -1.18 14.12 36.19
N GLY B 106 -0.35 13.22 35.67
CA GLY B 106 1.07 13.18 35.99
C GLY B 106 1.47 11.93 36.73
N GLU B 107 0.49 11.29 37.38
CA GLU B 107 0.73 10.09 38.18
C GLU B 107 0.39 8.82 37.39
N PRO B 108 1.23 7.78 37.51
CA PRO B 108 0.93 6.50 36.85
C PRO B 108 0.13 5.54 37.74
N GLN B 109 -0.81 4.83 37.13
CA GLN B 109 -1.55 3.77 37.82
C GLN B 109 -1.13 2.41 37.27
N THR B 110 -0.83 1.47 38.16
CA THR B 110 -0.30 0.17 37.78
C THR B 110 -1.18 -0.98 38.25
N PHE B 111 -1.37 -1.97 37.38
CA PHE B 111 -2.12 -3.16 37.71
C PHE B 111 -1.52 -4.39 37.04
N THR B 112 -1.65 -5.54 37.69
CA THR B 112 -1.07 -6.79 37.21
C THR B 112 -2.02 -7.51 36.24
N LEU B 113 -1.43 -8.21 35.27
CA LEU B 113 -2.21 -8.98 34.31
C LEU B 113 -1.70 -10.41 34.26
N LYS B 114 -2.55 -11.35 34.64
CA LYS B 114 -2.20 -12.77 34.63
C LYS B 114 -2.58 -13.39 33.30
N PHE B 115 -1.67 -14.21 32.76
CA PHE B 115 -1.97 -15.03 31.59
C PHE B 115 -1.54 -16.46 31.88
N LYS B 116 -2.42 -17.40 31.59
CA LYS B 116 -2.11 -18.82 31.74
C LYS B 116 -2.61 -19.60 30.54
N ARG B 117 -1.69 -20.32 29.90
CA ARG B 117 -1.99 -21.06 28.70
C ARG B 117 -2.87 -22.28 29.02
N ALA B 118 -4.06 -22.32 28.41
CA ALA B 118 -5.01 -23.39 28.64
C ALA B 118 -4.49 -24.71 28.09
N GLU B 119 -5.05 -25.81 28.57
CA GLU B 119 -4.66 -27.15 28.16
C GLU B 119 -5.76 -27.82 27.33
N ASP B 120 -5.35 -28.54 26.29
CA ASP B 120 -6.28 -29.23 25.40
C ASP B 120 -7.20 -28.23 24.71
N TYR B 121 -6.67 -27.04 24.43
CA TYR B 121 -7.43 -26.00 23.75
C TYR B 121 -7.68 -26.38 22.28
N PRO B 122 -8.89 -26.13 21.76
CA PRO B 122 -9.20 -26.58 20.39
C PRO B 122 -8.41 -25.82 19.33
N ILE B 123 -8.36 -26.39 18.12
CA ILE B 123 -7.63 -25.80 17.00
C ILE B 123 -8.42 -25.90 15.69
N ASP B 124 -8.46 -24.78 14.96
CA ASP B 124 -8.97 -24.75 13.59
C ASP B 124 -7.82 -24.49 12.62
N LEU B 125 -7.67 -25.35 11.61
CA LEU B 125 -6.62 -25.18 10.62
C LEU B 125 -7.17 -25.13 9.21
N TYR B 126 -6.87 -24.04 8.49
CA TYR B 126 -7.27 -23.90 7.10
C TYR B 126 -6.03 -23.96 6.21
N TYR B 127 -6.05 -24.86 5.24
CA TYR B 127 -4.92 -25.07 4.33
C TYR B 127 -5.18 -24.36 3.01
N LEU B 128 -4.49 -23.25 2.78
CA LEU B 128 -4.67 -22.45 1.57
C LEU B 128 -3.50 -22.70 0.62
N MET B 129 -3.79 -23.38 -0.49
CA MET B 129 -2.73 -23.90 -1.36
C MET B 129 -2.66 -23.21 -2.72
N ASP B 130 -1.44 -23.02 -3.19
CA ASP B 130 -1.18 -22.54 -4.54
C ASP B 130 -1.38 -23.69 -5.52
N LEU B 131 -2.37 -23.56 -6.40
CA LEU B 131 -2.61 -24.55 -7.45
C LEU B 131 -2.21 -24.05 -8.83
N SER B 132 -1.18 -23.20 -8.87
CA SER B 132 -0.61 -22.79 -10.15
C SER B 132 0.19 -23.96 -10.72
N TYR B 133 0.63 -23.81 -11.97
CA TYR B 133 1.29 -24.91 -12.67
C TYR B 133 2.60 -25.30 -11.99
N SER B 134 3.26 -24.33 -11.36
CA SER B 134 4.54 -24.58 -10.70
C SER B 134 4.38 -25.47 -9.46
N MET B 135 3.14 -25.72 -9.05
CA MET B 135 2.83 -26.55 -7.89
C MET B 135 2.22 -27.89 -8.32
N LYS B 136 2.59 -28.36 -9.49
CA LYS B 136 2.08 -29.61 -10.04
C LYS B 136 2.39 -30.80 -9.15
N ASP B 137 3.68 -31.09 -9.00
CA ASP B 137 4.11 -32.25 -8.23
C ASP B 137 3.69 -32.19 -6.77
N ASP B 138 3.46 -30.97 -6.26
CA ASP B 138 3.09 -30.79 -4.87
C ASP B 138 1.71 -31.36 -4.57
N LEU B 139 0.77 -31.14 -5.49
CA LEU B 139 -0.61 -31.56 -5.29
C LEU B 139 -0.75 -33.09 -5.22
N GLU B 140 0.28 -33.78 -5.67
CA GLU B 140 0.25 -35.25 -5.73
C GLU B 140 0.32 -35.91 -4.35
N ASN B 141 1.00 -35.27 -3.40
CA ASN B 141 1.22 -35.86 -2.09
C ASN B 141 0.28 -35.34 -1.01
N VAL B 142 -0.56 -34.38 -1.38
CA VAL B 142 -1.56 -33.85 -0.45
C VAL B 142 -2.82 -34.73 -0.52
N LYS B 143 -2.74 -35.81 -1.29
CA LYS B 143 -3.83 -36.77 -1.38
C LYS B 143 -4.28 -37.24 0.00
N SER B 144 -3.31 -37.41 0.89
CA SER B 144 -3.54 -37.99 2.21
C SER B 144 -3.26 -37.02 3.35
N LEU B 145 -3.11 -35.74 3.02
CA LEU B 145 -2.83 -34.74 4.05
C LEU B 145 -3.94 -34.72 5.10
N GLY B 146 -5.18 -34.92 4.64
CA GLY B 146 -6.33 -34.89 5.52
C GLY B 146 -6.19 -35.82 6.71
N THR B 147 -6.28 -37.12 6.46
CA THR B 147 -6.25 -38.11 7.53
C THR B 147 -4.91 -38.10 8.27
N ASP B 148 -3.82 -37.88 7.55
CA ASP B 148 -2.49 -37.94 8.15
C ASP B 148 -2.26 -36.79 9.12
N LEU B 149 -2.77 -35.60 8.77
CA LEU B 149 -2.65 -34.45 9.64
C LEU B 149 -3.65 -34.55 10.80
N MET B 150 -4.82 -35.12 10.51
CA MET B 150 -5.80 -35.41 11.55
C MET B 150 -5.18 -36.29 12.63
N ASN B 151 -4.49 -37.33 12.19
CA ASN B 151 -3.87 -38.28 13.10
C ASN B 151 -2.77 -37.67 13.95
N GLU B 152 -2.04 -36.71 13.36
CA GLU B 152 -0.90 -36.11 14.04
C GLU B 152 -1.35 -35.06 15.06
N MET B 153 -2.51 -34.45 14.82
CA MET B 153 -3.02 -33.41 15.72
C MET B 153 -3.76 -34.01 16.91
N ARG B 154 -4.00 -35.31 16.89
CA ARG B 154 -4.59 -36.01 18.03
C ARG B 154 -3.69 -35.88 19.24
N ARG B 155 -2.38 -35.84 18.98
CA ARG B 155 -1.38 -35.70 20.04
C ARG B 155 -1.48 -34.32 20.68
N ILE B 156 -1.82 -33.32 19.86
CA ILE B 156 -1.85 -31.93 20.32
C ILE B 156 -3.17 -31.61 21.05
N THR B 157 -4.28 -31.87 20.39
CA THR B 157 -5.60 -31.55 20.94
C THR B 157 -6.62 -32.64 20.65
N SER B 158 -7.61 -32.76 21.53
CA SER B 158 -8.71 -33.69 21.34
C SER B 158 -9.83 -33.06 20.51
N ASP B 159 -9.57 -31.89 19.95
CA ASP B 159 -10.56 -31.16 19.15
C ASP B 159 -9.87 -30.39 18.03
N PHE B 160 -9.92 -30.95 16.82
CA PHE B 160 -9.25 -30.37 15.66
C PHE B 160 -10.14 -30.40 14.43
N ARG B 161 -10.26 -29.25 13.77
CA ARG B 161 -11.05 -29.13 12.54
C ARG B 161 -10.15 -28.62 11.41
N ILE B 162 -10.29 -29.21 10.24
CA ILE B 162 -9.44 -28.89 9.10
C ILE B 162 -10.26 -28.44 7.89
N GLY B 163 -9.68 -27.54 7.10
CA GLY B 163 -10.31 -27.05 5.88
C GLY B 163 -9.29 -26.91 4.76
N PHE B 164 -9.78 -26.68 3.54
CA PHE B 164 -8.91 -26.56 2.37
C PHE B 164 -9.41 -25.51 1.39
N GLY B 165 -8.50 -24.66 0.93
CA GLY B 165 -8.79 -23.67 -0.08
C GLY B 165 -7.65 -23.59 -1.06
N SER B 166 -7.93 -23.03 -2.24
CA SER B 166 -6.91 -22.91 -3.28
C SER B 166 -6.96 -21.54 -3.95
N PHE B 167 -5.87 -21.19 -4.63
CA PHE B 167 -5.80 -19.92 -5.33
C PHE B 167 -4.82 -19.99 -6.50
N VAL B 168 -4.91 -19.02 -7.40
CA VAL B 168 -3.98 -18.90 -8.51
C VAL B 168 -3.63 -17.42 -8.74
N GLU B 169 -4.49 -16.71 -9.45
CA GLU B 169 -4.17 -15.37 -9.91
C GLU B 169 -5.43 -14.56 -10.26
N LYS B 170 -5.30 -13.24 -10.34
CA LYS B 170 -6.38 -12.42 -10.88
C LYS B 170 -6.70 -12.88 -12.30
N THR B 171 -7.98 -12.86 -12.65
CA THR B 171 -8.42 -13.39 -13.93
C THR B 171 -8.52 -12.29 -15.00
N VAL B 172 -7.49 -11.44 -15.06
CA VAL B 172 -7.44 -10.38 -16.05
C VAL B 172 -6.04 -10.22 -16.63
N MET B 173 -5.97 -9.59 -17.79
CA MET B 173 -4.69 -9.21 -18.39
C MET B 173 -4.00 -8.21 -17.45
N PRO B 174 -2.66 -8.24 -17.37
CA PRO B 174 -1.68 -9.06 -18.08
C PRO B 174 -1.21 -10.29 -17.29
N TYR B 175 -1.90 -10.64 -16.22
CA TYR B 175 -1.45 -11.73 -15.36
C TYR B 175 -1.80 -13.09 -15.98
N ILE B 176 -2.79 -13.09 -16.87
CA ILE B 176 -3.16 -14.28 -17.63
C ILE B 176 -3.28 -13.95 -19.12
N SER B 177 -3.20 -14.99 -19.96
CA SER B 177 -3.48 -14.85 -21.37
C SER B 177 -5.00 -14.75 -21.55
N THR B 178 -5.44 -13.88 -22.44
CA THR B 178 -6.86 -13.58 -22.59
C THR B 178 -7.45 -14.17 -23.87
N THR B 179 -6.62 -14.89 -24.64
CA THR B 179 -7.13 -15.57 -25.83
C THR B 179 -8.11 -16.65 -25.39
N PRO B 180 -9.19 -16.85 -26.16
CA PRO B 180 -10.24 -17.80 -25.76
C PRO B 180 -9.69 -19.21 -25.52
N ALA B 181 -8.63 -19.56 -26.24
CA ALA B 181 -7.99 -20.86 -26.08
C ALA B 181 -7.29 -20.98 -24.73
N LYS B 182 -6.37 -20.07 -24.46
CA LYS B 182 -5.60 -20.10 -23.21
C LYS B 182 -6.49 -19.85 -21.99
N LEU B 183 -7.65 -19.24 -22.23
CA LEU B 183 -8.63 -19.06 -21.17
C LEU B 183 -9.24 -20.39 -20.78
N ARG B 184 -9.29 -21.31 -21.74
CA ARG B 184 -9.84 -22.64 -21.52
C ARG B 184 -8.78 -23.57 -20.92
N ASN B 185 -7.58 -23.50 -21.48
CA ASN B 185 -6.44 -24.27 -20.99
C ASN B 185 -5.18 -23.40 -20.96
N PRO B 186 -4.87 -22.81 -19.79
CA PRO B 186 -3.75 -21.85 -19.71
C PRO B 186 -2.38 -22.48 -19.92
N CYS B 187 -2.30 -23.81 -19.94
CA CYS B 187 -1.05 -24.51 -20.14
C CYS B 187 -0.92 -24.94 -21.60
N THR B 188 -0.02 -25.88 -21.86
CA THR B 188 0.17 -26.42 -23.22
C THR B 188 -0.85 -27.50 -23.51
N SER B 189 -0.80 -28.05 -24.72
CA SER B 189 -1.74 -29.09 -25.14
C SER B 189 -1.54 -30.37 -24.34
N GLU B 190 -0.30 -30.63 -23.95
CA GLU B 190 0.04 -31.81 -23.16
C GLU B 190 -0.75 -31.87 -21.87
N GLN B 191 -0.81 -30.74 -21.16
CA GLN B 191 -1.49 -30.66 -19.88
C GLN B 191 -2.99 -30.47 -20.05
N ASN B 192 -3.73 -30.79 -18.99
CA ASN B 192 -5.18 -30.63 -18.96
C ASN B 192 -5.57 -29.62 -17.89
N CYS B 193 -4.79 -28.56 -17.80
CA CYS B 193 -4.98 -27.53 -16.77
C CYS B 193 -6.37 -26.92 -16.84
N THR B 194 -6.97 -26.71 -15.68
CA THR B 194 -8.27 -26.05 -15.58
C THR B 194 -8.09 -24.56 -15.82
N THR B 195 -9.21 -23.86 -15.97
CA THR B 195 -9.18 -22.43 -16.24
C THR B 195 -8.70 -21.65 -15.02
N PRO B 196 -7.99 -20.53 -15.24
CA PRO B 196 -7.50 -19.74 -14.11
C PRO B 196 -8.63 -19.18 -13.25
N PHE B 197 -8.33 -18.95 -11.98
CA PHE B 197 -9.32 -18.46 -11.03
C PHE B 197 -8.61 -17.82 -9.84
N SER B 198 -9.26 -16.87 -9.19
CA SER B 198 -8.64 -16.14 -8.09
C SER B 198 -8.53 -16.99 -6.83
N TYR B 199 -9.68 -17.34 -6.25
CA TYR B 199 -9.71 -18.11 -5.02
C TYR B 199 -10.99 -18.92 -4.92
N LYS B 200 -10.88 -20.15 -4.41
CA LYS B 200 -12.06 -20.96 -4.14
C LYS B 200 -11.95 -21.68 -2.80
N ASN B 201 -13.06 -21.69 -2.07
CA ASN B 201 -13.17 -22.45 -0.84
C ASN B 201 -13.56 -23.89 -1.15
N VAL B 202 -12.57 -24.77 -1.19
CA VAL B 202 -12.81 -26.17 -1.53
C VAL B 202 -13.58 -26.89 -0.43
N LEU B 203 -13.27 -26.55 0.83
CA LEU B 203 -13.87 -27.23 1.97
C LEU B 203 -13.78 -26.38 3.22
N SER B 204 -14.92 -26.10 3.84
CA SER B 204 -14.95 -25.37 5.11
C SER B 204 -14.44 -26.27 6.23
N LEU B 205 -14.18 -25.66 7.39
CA LEU B 205 -13.61 -26.38 8.53
C LEU B 205 -14.52 -27.53 8.95
N THR B 206 -13.91 -28.69 9.20
CA THR B 206 -14.64 -29.88 9.59
C THR B 206 -13.74 -30.89 10.27
N ASN B 207 -14.35 -31.89 10.91
CA ASN B 207 -13.63 -32.95 11.61
C ASN B 207 -13.44 -34.18 10.74
N LYS B 208 -14.34 -34.38 9.78
CA LYS B 208 -14.26 -35.52 8.87
C LYS B 208 -13.08 -35.35 7.91
N GLY B 209 -11.94 -35.88 8.31
CA GLY B 209 -10.73 -35.80 7.50
C GLY B 209 -10.79 -36.63 6.24
N GLU B 210 -11.80 -37.50 6.15
CA GLU B 210 -11.98 -38.33 4.98
C GLU B 210 -12.49 -37.50 3.81
N VAL B 211 -13.26 -36.46 4.13
CA VAL B 211 -13.76 -35.53 3.12
C VAL B 211 -12.61 -34.73 2.52
N PHE B 212 -11.65 -34.37 3.37
CA PHE B 212 -10.49 -33.60 2.95
C PHE B 212 -9.76 -34.30 1.81
N ASN B 213 -9.47 -35.59 1.99
CA ASN B 213 -8.70 -36.33 1.01
C ASN B 213 -9.40 -36.45 -0.33
N GLU B 214 -10.69 -36.75 -0.32
CA GLU B 214 -11.43 -36.99 -1.55
C GLU B 214 -11.59 -35.71 -2.37
N LEU B 215 -11.72 -34.58 -1.68
CA LEU B 215 -11.91 -33.30 -2.36
C LEU B 215 -10.62 -32.79 -2.98
N VAL B 216 -9.52 -32.95 -2.25
CA VAL B 216 -8.21 -32.54 -2.75
C VAL B 216 -7.84 -33.39 -3.96
N GLY B 217 -8.30 -34.64 -3.95
CA GLY B 217 -8.02 -35.54 -5.06
C GLY B 217 -8.84 -35.25 -6.30
N LYS B 218 -9.75 -34.28 -6.20
CA LYS B 218 -10.61 -33.90 -7.32
C LYS B 218 -10.25 -32.52 -7.86
N GLN B 219 -9.20 -31.92 -7.34
CA GLN B 219 -8.77 -30.60 -7.79
C GLN B 219 -7.76 -30.72 -8.93
N ARG B 220 -8.01 -29.96 -10.00
CA ARG B 220 -7.08 -29.89 -11.12
C ARG B 220 -6.18 -28.67 -10.99
N ILE B 221 -4.91 -28.84 -11.35
CA ILE B 221 -3.96 -27.74 -11.32
C ILE B 221 -4.32 -26.75 -12.42
N SER B 222 -4.00 -25.47 -12.20
CA SER B 222 -4.31 -24.41 -13.14
C SER B 222 -3.04 -23.77 -13.68
N GLY B 223 -3.10 -22.51 -14.08
CA GLY B 223 -1.93 -21.82 -14.59
C GLY B 223 -2.16 -20.36 -14.93
N ASN B 224 -1.07 -19.61 -15.04
CA ASN B 224 -1.09 -18.22 -15.45
C ASN B 224 0.31 -17.82 -15.94
N LEU B 225 0.57 -16.52 -16.06
CA LEU B 225 1.82 -16.06 -16.71
C LEU B 225 2.95 -15.72 -15.74
N ASP B 226 2.78 -14.63 -14.98
CA ASP B 226 3.87 -14.13 -14.14
C ASP B 226 4.12 -15.03 -12.93
N SER B 227 5.38 -15.10 -12.51
CA SER B 227 5.81 -15.99 -11.45
C SER B 227 5.13 -15.73 -10.11
N PRO B 228 5.18 -14.49 -9.60
CA PRO B 228 4.48 -14.26 -8.33
C PRO B 228 2.98 -14.44 -8.51
N GLU B 229 2.31 -15.01 -7.51
CA GLU B 229 0.90 -15.35 -7.61
C GLU B 229 0.06 -14.49 -6.68
N GLY B 230 -1.26 -14.59 -6.80
CA GLY B 230 -2.16 -13.70 -6.08
C GLY B 230 -2.75 -14.33 -4.82
N GLY B 231 -1.89 -14.72 -3.89
CA GLY B 231 -2.33 -15.40 -2.69
C GLY B 231 -2.88 -14.44 -1.65
N PHE B 232 -2.48 -13.18 -1.72
CA PHE B 232 -2.92 -12.17 -0.78
C PHE B 232 -4.43 -11.91 -0.86
N ASP B 233 -4.97 -11.89 -2.07
CA ASP B 233 -6.42 -11.78 -2.25
C ASP B 233 -7.14 -12.89 -1.49
N ALA B 234 -6.58 -14.08 -1.54
CA ALA B 234 -7.16 -15.24 -0.88
C ALA B 234 -7.02 -15.13 0.64
N ILE B 235 -5.82 -14.77 1.10
CA ILE B 235 -5.58 -14.60 2.53
C ILE B 235 -6.59 -13.62 3.12
N MET B 236 -6.89 -12.56 2.39
CA MET B 236 -7.85 -11.57 2.85
C MET B 236 -9.23 -12.20 3.02
N GLN B 237 -9.69 -12.92 2.00
CA GLN B 237 -11.03 -13.51 2.05
C GLN B 237 -11.15 -14.54 3.16
N VAL B 238 -10.14 -15.38 3.32
CA VAL B 238 -10.14 -16.37 4.38
C VAL B 238 -10.22 -15.69 5.73
N ALA B 239 -9.58 -14.53 5.86
CA ALA B 239 -9.56 -13.80 7.11
C ALA B 239 -10.92 -13.18 7.45
N VAL B 240 -11.56 -12.56 6.46
CA VAL B 240 -12.78 -11.80 6.72
C VAL B 240 -14.06 -12.63 6.56
N CYS B 241 -14.06 -13.58 5.62
CA CYS B 241 -15.21 -14.47 5.45
C CYS B 241 -15.33 -15.41 6.63
N GLY B 242 -15.83 -14.90 7.76
CA GLY B 242 -15.86 -15.63 9.00
C GLY B 242 -16.67 -16.92 8.98
N SER B 243 -17.98 -16.80 8.80
CA SER B 243 -18.89 -17.92 8.98
C SER B 243 -18.93 -18.88 7.79
N LEU B 244 -18.38 -18.46 6.65
CA LEU B 244 -18.36 -19.32 5.46
C LEU B 244 -17.19 -20.29 5.53
N ILE B 245 -16.13 -19.90 6.21
CA ILE B 245 -14.98 -20.78 6.43
C ILE B 245 -15.23 -21.61 7.68
N GLY B 246 -15.93 -21.01 8.65
CA GLY B 246 -16.36 -21.73 9.84
C GLY B 246 -15.46 -21.55 11.05
N TRP B 247 -14.76 -20.41 11.12
CA TRP B 247 -13.85 -20.14 12.22
C TRP B 247 -14.56 -20.12 13.56
N ARG B 248 -14.06 -20.91 14.50
CA ARG B 248 -14.52 -20.86 15.88
C ARG B 248 -13.60 -19.96 16.69
N ASN B 249 -14.07 -19.49 17.82
CA ASN B 249 -13.25 -18.65 18.69
C ASN B 249 -12.28 -19.51 19.49
N VAL B 250 -11.26 -20.00 18.80
CA VAL B 250 -10.19 -20.79 19.40
C VAL B 250 -8.89 -20.47 18.68
N THR B 251 -7.91 -21.38 18.73
CA THR B 251 -6.68 -21.22 17.96
C THR B 251 -6.98 -21.32 16.47
N ARG B 252 -6.54 -20.32 15.70
CA ARG B 252 -6.79 -20.27 14.27
C ARG B 252 -5.49 -20.29 13.47
N LEU B 253 -5.27 -21.38 12.74
CA LEU B 253 -4.05 -21.55 11.95
C LEU B 253 -4.34 -21.52 10.45
N LEU B 254 -3.71 -20.59 9.76
CA LEU B 254 -3.78 -20.53 8.32
C LEU B 254 -2.45 -20.99 7.74
N VAL B 255 -2.48 -22.11 7.03
CA VAL B 255 -1.30 -22.61 6.33
C VAL B 255 -1.29 -22.05 4.91
N PHE B 256 -0.24 -21.29 4.59
CA PHE B 256 -0.08 -20.69 3.28
C PHE B 256 1.06 -21.38 2.54
N SER B 257 0.69 -22.22 1.58
CA SER B 257 1.65 -23.07 0.88
C SER B 257 1.83 -22.65 -0.58
N THR B 258 3.00 -22.08 -0.89
CA THR B 258 3.34 -21.66 -2.25
C THR B 258 4.82 -21.90 -2.55
N ASP B 259 5.19 -21.76 -3.82
CA ASP B 259 6.58 -21.92 -4.25
C ASP B 259 7.06 -20.70 -5.05
N ALA B 260 6.44 -19.56 -4.79
CA ALA B 260 6.77 -18.33 -5.51
C ALA B 260 6.41 -17.10 -4.70
N GLY B 261 6.84 -15.93 -5.19
CA GLY B 261 6.54 -14.66 -4.55
C GLY B 261 5.06 -14.33 -4.57
N PHE B 262 4.73 -13.12 -4.13
CA PHE B 262 3.34 -12.70 -3.99
C PHE B 262 3.08 -11.31 -4.58
N HIS B 263 1.93 -11.15 -5.22
CA HIS B 263 1.47 -9.85 -5.67
C HIS B 263 0.96 -9.06 -4.47
N PHE B 264 1.02 -7.74 -4.55
CA PHE B 264 0.46 -6.88 -3.51
C PHE B 264 0.05 -5.52 -4.09
N ALA B 265 -0.63 -4.71 -3.28
CA ALA B 265 -1.19 -3.44 -3.73
C ALA B 265 -0.20 -2.63 -4.55
N GLY B 266 -0.67 -2.08 -5.67
CA GLY B 266 0.17 -1.37 -6.61
C GLY B 266 0.31 -2.12 -7.92
N ASP B 267 0.26 -3.45 -7.85
CA ASP B 267 0.41 -4.29 -9.03
C ASP B 267 -0.85 -4.31 -9.88
N GLY B 268 -1.99 -4.04 -9.24
CA GLY B 268 -3.27 -3.98 -9.93
C GLY B 268 -3.27 -2.94 -11.03
N LYS B 269 -2.47 -1.90 -10.86
CA LYS B 269 -2.47 -0.78 -11.81
C LYS B 269 -2.09 -1.23 -13.21
N LEU B 270 -1.33 -2.31 -13.30
CA LEU B 270 -0.94 -2.86 -14.60
C LEU B 270 -2.15 -3.32 -15.40
N GLY B 271 -3.14 -3.87 -14.70
CA GLY B 271 -4.34 -4.39 -15.31
C GLY B 271 -5.54 -3.46 -15.14
N GLY B 272 -5.28 -2.21 -14.76
CA GLY B 272 -6.33 -1.22 -14.65
C GLY B 272 -7.16 -1.31 -13.39
N ILE B 273 -6.62 -2.01 -12.37
CA ILE B 273 -7.27 -2.12 -11.07
C ILE B 273 -6.70 -1.10 -10.10
N VAL B 274 -7.40 0.03 -9.95
CA VAL B 274 -6.90 1.12 -9.14
C VAL B 274 -7.57 1.15 -7.77
N LEU B 275 -8.74 0.53 -7.67
CA LEU B 275 -9.51 0.53 -6.44
C LEU B 275 -8.88 -0.36 -5.36
N PRO B 276 -8.58 0.22 -4.17
CA PRO B 276 -7.97 -0.60 -3.12
C PRO B 276 -8.87 -1.72 -2.59
N ASN B 277 -8.25 -2.73 -1.99
CA ASN B 277 -9.00 -3.80 -1.33
C ASN B 277 -9.88 -3.22 -0.22
N ASP B 278 -11.11 -3.72 -0.11
CA ASP B 278 -12.07 -3.17 0.85
C ASP B 278 -12.09 -3.93 2.18
N GLY B 279 -11.47 -5.11 2.20
CA GLY B 279 -11.42 -5.92 3.40
C GLY B 279 -12.76 -6.54 3.73
N GLN B 280 -13.57 -6.77 2.70
CA GLN B 280 -14.90 -7.35 2.87
C GLN B 280 -15.01 -8.68 2.11
N CYS B 281 -15.92 -9.54 2.54
CA CYS B 281 -16.12 -10.82 1.88
C CYS B 281 -16.87 -10.63 0.56
N HIS B 282 -16.48 -11.41 -0.45
CA HIS B 282 -17.13 -11.37 -1.74
C HIS B 282 -17.16 -12.76 -2.38
N LEU B 283 -17.80 -13.71 -1.70
CA LEU B 283 -17.87 -15.08 -2.17
C LEU B 283 -19.22 -15.39 -2.81
N GLU B 284 -19.16 -15.94 -4.02
CA GLU B 284 -20.34 -16.45 -4.71
C GLU B 284 -20.09 -17.91 -5.06
N ASN B 285 -20.87 -18.80 -4.46
CA ASN B 285 -20.65 -20.24 -4.61
C ASN B 285 -19.22 -20.62 -4.24
N ASN B 286 -18.75 -20.05 -3.12
CA ASN B 286 -17.40 -20.29 -2.63
C ASN B 286 -16.32 -19.88 -3.63
N MET B 287 -16.63 -18.90 -4.48
CA MET B 287 -15.68 -18.35 -5.42
C MET B 287 -15.49 -16.86 -5.17
N TYR B 288 -14.24 -16.40 -5.14
CA TYR B 288 -13.98 -14.97 -5.05
C TYR B 288 -14.29 -14.33 -6.39
N THR B 289 -15.13 -13.31 -6.36
CA THR B 289 -15.74 -12.76 -7.57
C THR B 289 -15.16 -11.41 -7.99
N MET B 290 -14.51 -10.72 -7.05
CA MET B 290 -14.10 -9.33 -7.28
C MET B 290 -12.58 -9.17 -7.40
N SER B 291 -11.92 -10.18 -7.97
CA SER B 291 -10.48 -10.09 -8.18
C SER B 291 -10.17 -9.11 -9.32
N HIS B 292 -11.18 -8.83 -10.14
CA HIS B 292 -11.02 -7.95 -11.29
C HIS B 292 -11.43 -6.51 -10.97
N TYR B 293 -11.80 -6.26 -9.72
CA TYR B 293 -12.35 -4.98 -9.32
C TYR B 293 -11.50 -4.32 -8.23
N TYR B 294 -11.09 -5.09 -7.24
CA TYR B 294 -10.29 -4.60 -6.14
C TYR B 294 -8.82 -4.98 -6.29
N ASP B 295 -7.93 -4.07 -5.96
CA ASP B 295 -6.50 -4.34 -6.03
C ASP B 295 -6.11 -5.43 -5.05
N TYR B 296 -4.91 -5.98 -5.23
CA TYR B 296 -4.33 -6.85 -4.20
C TYR B 296 -4.22 -6.05 -2.92
N PRO B 297 -4.41 -6.71 -1.76
CA PRO B 297 -4.22 -5.94 -0.53
C PRO B 297 -2.74 -5.67 -0.27
N SER B 298 -2.45 -4.60 0.46
CA SER B 298 -1.10 -4.33 0.92
C SER B 298 -0.77 -5.26 2.08
N ILE B 299 0.49 -5.27 2.51
CA ILE B 299 0.88 -6.06 3.67
C ILE B 299 0.24 -5.45 4.92
N ALA B 300 0.30 -4.14 5.03
CA ALA B 300 -0.24 -3.44 6.19
C ALA B 300 -1.73 -3.76 6.37
N HIS B 301 -2.45 -3.88 5.27
CA HIS B 301 -3.87 -4.20 5.32
C HIS B 301 -4.08 -5.60 5.90
N LEU B 302 -3.29 -6.56 5.42
CA LEU B 302 -3.38 -7.92 5.92
C LEU B 302 -3.06 -8.02 7.41
N VAL B 303 -2.08 -7.24 7.86
CA VAL B 303 -1.73 -7.19 9.27
C VAL B 303 -2.95 -6.80 10.09
N GLN B 304 -3.71 -5.83 9.59
CA GLN B 304 -4.91 -5.36 10.25
C GLN B 304 -5.97 -6.46 10.32
N LYS B 305 -6.23 -7.12 9.20
CA LYS B 305 -7.34 -8.06 9.12
C LYS B 305 -6.98 -9.44 9.67
N LEU B 306 -5.70 -9.77 9.68
CA LEU B 306 -5.26 -11.03 10.30
C LEU B 306 -5.29 -10.91 11.82
N SER B 307 -5.05 -9.71 12.33
CA SER B 307 -4.98 -9.49 13.77
C SER B 307 -6.35 -9.38 14.40
N GLU B 308 -7.24 -8.60 13.79
CA GLU B 308 -8.57 -8.40 14.34
C GLU B 308 -9.38 -9.70 14.26
N ASN B 309 -9.06 -10.53 13.26
CA ASN B 309 -9.70 -11.84 13.13
C ASN B 309 -8.88 -12.96 13.74
N ASN B 310 -7.83 -12.60 14.49
CA ASN B 310 -7.06 -13.56 15.28
C ASN B 310 -6.51 -14.74 14.48
N ILE B 311 -6.09 -14.48 13.25
CA ILE B 311 -5.47 -15.52 12.44
C ILE B 311 -3.98 -15.61 12.74
N GLN B 312 -3.49 -16.84 12.92
CA GLN B 312 -2.05 -17.10 13.06
C GLN B 312 -1.57 -17.81 11.81
N THR B 313 -0.68 -17.17 11.06
CA THR B 313 -0.29 -17.65 9.74
C THR B 313 0.97 -18.51 9.77
N ILE B 314 0.93 -19.61 9.04
CA ILE B 314 2.11 -20.45 8.83
C ILE B 314 2.48 -20.45 7.34
N PHE B 315 3.57 -19.78 7.01
CA PHE B 315 4.07 -19.76 5.63
C PHE B 315 4.90 -21.01 5.35
N ALA B 316 4.35 -21.91 4.55
CA ALA B 316 5.03 -23.11 4.13
C ALA B 316 5.54 -22.96 2.70
N VAL B 317 6.74 -22.40 2.56
CA VAL B 317 7.28 -22.07 1.25
C VAL B 317 8.58 -22.81 0.95
N THR B 318 8.93 -22.86 -0.32
CA THR B 318 10.10 -23.60 -0.76
C THR B 318 11.39 -22.91 -0.31
N GLU B 319 12.51 -23.61 -0.46
CA GLU B 319 13.82 -23.10 -0.08
C GLU B 319 14.16 -21.79 -0.79
N GLU B 320 13.84 -21.73 -2.08
CA GLU B 320 14.18 -20.59 -2.91
C GLU B 320 13.63 -19.26 -2.37
N PHE B 321 12.41 -19.31 -1.83
CA PHE B 321 11.72 -18.09 -1.40
C PHE B 321 11.69 -17.91 0.11
N GLN B 322 12.57 -18.61 0.82
CA GLN B 322 12.66 -18.45 2.26
C GLN B 322 12.98 -17.03 2.71
N PRO B 323 14.02 -16.41 2.10
CA PRO B 323 14.35 -15.05 2.57
C PRO B 323 13.20 -14.06 2.40
N VAL B 324 12.43 -14.20 1.32
CA VAL B 324 11.32 -13.30 1.05
C VAL B 324 10.22 -13.41 2.12
N TYR B 325 9.84 -14.64 2.45
CA TYR B 325 8.75 -14.84 3.40
C TYR B 325 9.25 -14.72 4.84
N LYS B 326 10.56 -14.76 5.02
CA LYS B 326 11.15 -14.52 6.33
C LYS B 326 10.99 -13.05 6.70
N GLU B 327 11.12 -12.16 5.72
CA GLU B 327 10.92 -10.74 5.95
C GLU B 327 9.44 -10.41 6.11
N LEU B 328 8.60 -11.16 5.41
CA LEU B 328 7.16 -11.00 5.54
C LEU B 328 6.72 -11.35 6.96
N LYS B 329 7.33 -12.38 7.52
CA LYS B 329 7.08 -12.79 8.90
C LYS B 329 7.37 -11.64 9.87
N ASN B 330 8.51 -11.00 9.69
CA ASN B 330 8.92 -9.91 10.57
C ASN B 330 7.92 -8.76 10.61
N LEU B 331 7.08 -8.66 9.58
CA LEU B 331 6.10 -7.58 9.49
C LEU B 331 4.72 -8.02 9.94
N ILE B 332 4.46 -9.32 9.93
CA ILE B 332 3.17 -9.87 10.36
C ILE B 332 3.24 -10.45 11.77
N PRO B 333 2.43 -9.94 12.70
CA PRO B 333 2.44 -10.51 14.05
C PRO B 333 1.77 -11.89 14.12
N LYS B 334 2.31 -12.75 14.99
CA LYS B 334 1.81 -14.12 15.15
C LYS B 334 1.80 -14.88 13.82
N SER B 335 2.97 -14.98 13.20
CA SER B 335 3.14 -15.82 12.03
C SER B 335 4.49 -16.55 12.10
N ALA B 336 4.62 -17.61 11.30
CA ALA B 336 5.83 -18.42 11.30
C ALA B 336 6.16 -18.87 9.88
N VAL B 337 7.43 -19.17 9.66
CA VAL B 337 7.91 -19.61 8.35
C VAL B 337 8.64 -20.93 8.46
N GLY B 338 8.32 -21.86 7.57
CA GLY B 338 8.97 -23.15 7.50
C GLY B 338 9.35 -23.48 6.07
N THR B 339 10.33 -24.35 5.90
CA THR B 339 10.82 -24.71 4.58
C THR B 339 10.08 -25.91 4.03
N LEU B 340 9.25 -25.66 3.02
CA LEU B 340 8.50 -26.70 2.36
C LEU B 340 9.36 -27.44 1.35
N SER B 341 9.22 -28.75 1.28
CA SER B 341 9.96 -29.55 0.31
C SER B 341 9.32 -29.46 -1.07
N ALA B 342 9.82 -30.26 -2.02
CA ALA B 342 9.34 -30.22 -3.39
C ALA B 342 7.97 -30.90 -3.52
N ASN B 343 7.79 -32.02 -2.84
CA ASN B 343 6.52 -32.76 -2.89
C ASN B 343 5.62 -32.43 -1.70
N SER B 344 5.96 -31.38 -0.96
CA SER B 344 5.22 -31.00 0.23
C SER B 344 5.10 -32.20 1.19
N SER B 345 6.21 -32.87 1.41
CA SER B 345 6.21 -34.09 2.21
C SER B 345 6.32 -33.81 3.70
N ASN B 346 7.21 -32.89 4.06
CA ASN B 346 7.45 -32.56 5.45
C ASN B 346 6.45 -31.53 5.98
N VAL B 347 5.36 -31.32 5.24
CA VAL B 347 4.38 -30.30 5.59
C VAL B 347 3.80 -30.51 6.99
N ILE B 348 3.53 -31.76 7.34
CA ILE B 348 2.94 -32.06 8.64
C ILE B 348 3.88 -31.61 9.76
N GLN B 349 5.12 -32.08 9.72
CA GLN B 349 6.11 -31.71 10.72
C GLN B 349 6.40 -30.21 10.68
N LEU B 350 6.28 -29.62 9.50
CA LEU B 350 6.44 -28.18 9.35
C LEU B 350 5.36 -27.44 10.14
N ILE B 351 4.14 -27.97 10.07
CA ILE B 351 3.00 -27.36 10.75
C ILE B 351 3.13 -27.51 12.26
N ILE B 352 3.57 -28.67 12.72
CA ILE B 352 3.73 -28.92 14.14
C ILE B 352 4.77 -27.98 14.76
N ASP B 353 5.91 -27.84 14.09
CA ASP B 353 6.99 -26.99 14.59
C ASP B 353 6.54 -25.53 14.64
N ALA B 354 5.83 -25.10 13.61
CA ALA B 354 5.31 -23.74 13.54
C ALA B 354 4.32 -23.49 14.67
N TYR B 355 3.43 -24.45 14.90
CA TYR B 355 2.44 -24.34 15.96
C TYR B 355 3.09 -24.20 17.34
N ASN B 356 4.07 -25.05 17.62
CA ASN B 356 4.72 -25.07 18.91
C ASN B 356 5.46 -23.78 19.22
N SER B 357 5.86 -23.05 18.18
CA SER B 357 6.55 -21.78 18.36
C SER B 357 5.54 -20.65 18.62
N LEU B 358 4.41 -20.70 17.92
CA LEU B 358 3.37 -19.69 18.05
C LEU B 358 2.66 -19.77 19.39
N SER B 359 2.44 -21.00 19.86
CA SER B 359 1.68 -21.23 21.08
C SER B 359 2.52 -21.03 22.33
N SER B 360 3.84 -21.15 22.19
CA SER B 360 4.75 -21.00 23.32
C SER B 360 5.09 -19.53 23.56
N GLU B 361 4.44 -18.63 22.84
CA GLU B 361 4.69 -17.20 22.97
C GLU B 361 3.37 -16.42 22.99
N VAL B 362 3.28 -15.47 23.91
CA VAL B 362 2.12 -14.57 24.00
C VAL B 362 2.58 -13.14 23.78
N ILE B 363 1.78 -12.38 23.03
CA ILE B 363 2.06 -10.98 22.77
C ILE B 363 0.80 -10.14 23.00
N LEU B 364 0.96 -9.05 23.76
CA LEU B 364 -0.15 -8.17 24.08
C LEU B 364 -0.19 -6.95 23.17
N GLU B 365 -1.39 -6.56 22.75
CA GLU B 365 -1.59 -5.30 22.04
C GLU B 365 -2.74 -4.54 22.69
N ASN B 366 -2.71 -3.21 22.58
CA ASN B 366 -3.75 -2.37 23.17
C ASN B 366 -4.38 -1.47 22.12
N GLY B 367 -5.62 -1.06 22.38
CA GLY B 367 -6.34 -0.19 21.47
C GLY B 367 -5.80 1.22 21.51
N LYS B 368 -6.33 2.09 20.65
CA LYS B 368 -5.93 3.47 20.61
C LYS B 368 -6.17 4.15 21.96
N LEU B 369 -5.23 5.00 22.36
CA LEU B 369 -5.36 5.80 23.57
C LEU B 369 -5.47 7.27 23.20
N SER B 370 -6.07 8.06 24.08
CA SER B 370 -6.22 9.49 23.84
C SER B 370 -4.89 10.21 24.08
N GLU B 371 -4.76 11.43 23.57
CA GLU B 371 -3.55 12.21 23.76
C GLU B 371 -3.36 12.54 25.24
N GLY B 372 -2.12 12.46 25.70
CA GLY B 372 -1.81 12.61 27.11
C GLY B 372 -1.64 11.26 27.76
N VAL B 373 -2.47 10.31 27.33
CA VAL B 373 -2.42 8.94 27.86
C VAL B 373 -1.29 8.15 27.22
N THR B 374 -0.48 7.50 28.05
CA THR B 374 0.62 6.68 27.59
C THR B 374 0.65 5.36 28.36
N ILE B 375 1.26 4.34 27.77
CA ILE B 375 1.27 3.00 28.36
C ILE B 375 2.65 2.36 28.25
N SER B 376 2.96 1.48 29.19
CA SER B 376 4.20 0.72 29.15
C SER B 376 4.00 -0.64 29.81
N TYR B 377 4.72 -1.64 29.34
CA TYR B 377 4.58 -3.01 29.80
C TYR B 377 5.85 -3.52 30.50
N LYS B 378 5.64 -4.29 31.57
CA LYS B 378 6.72 -5.00 32.24
C LYS B 378 6.36 -6.48 32.32
N SER B 379 7.05 -7.31 31.54
CA SER B 379 6.75 -8.74 31.49
C SER B 379 7.57 -9.52 32.48
N TYR B 380 6.98 -10.58 33.02
CA TYR B 380 7.67 -11.48 33.95
C TYR B 380 7.39 -12.94 33.57
N CYS B 381 8.33 -13.54 32.85
CA CYS B 381 8.14 -14.88 32.32
C CYS B 381 8.84 -15.94 33.17
N LYS B 382 8.80 -17.18 32.69
CA LYS B 382 9.42 -18.31 33.38
C LYS B 382 10.92 -18.11 33.52
N ASN B 383 11.49 -18.69 34.57
CA ASN B 383 12.93 -18.66 34.83
C ASN B 383 13.47 -17.25 35.02
N GLY B 384 12.58 -16.32 35.35
CA GLY B 384 12.99 -14.98 35.75
C GLY B 384 13.41 -14.04 34.64
N VAL B 385 13.30 -14.46 33.39
CA VAL B 385 13.58 -13.52 32.33
C VAL B 385 12.49 -12.47 32.47
N ASN B 386 12.89 -11.20 32.53
CA ASN B 386 11.91 -10.14 32.64
C ASN B 386 12.11 -9.13 31.52
N GLY B 387 11.10 -8.98 30.69
CA GLY B 387 11.17 -8.00 29.62
C GLY B 387 10.69 -6.63 30.03
N THR B 388 11.18 -5.62 29.32
CA THR B 388 10.76 -4.23 29.53
C THR B 388 10.72 -3.52 28.18
N GLY B 389 10.20 -2.30 28.18
CA GLY B 389 10.01 -1.57 26.94
C GLY B 389 9.07 -2.33 26.03
N GLU B 390 9.57 -2.72 24.86
CA GLU B 390 8.77 -3.49 23.92
C GLU B 390 8.72 -4.97 24.31
N ASN B 391 9.78 -5.44 24.96
CA ASN B 391 9.82 -6.82 25.43
C ASN B 391 8.80 -7.07 26.53
N GLY B 392 8.34 -5.99 27.16
CA GLY B 392 7.33 -6.09 28.19
C GLY B 392 5.99 -6.54 27.62
N ARG B 393 5.82 -6.37 26.31
CA ARG B 393 4.56 -6.72 25.66
C ARG B 393 4.41 -8.23 25.43
N LYS B 394 5.49 -8.99 25.65
CA LYS B 394 5.47 -10.41 25.32
C LYS B 394 6.24 -11.29 26.31
N CYS B 395 5.86 -12.57 26.34
CA CYS B 395 6.59 -13.60 27.06
C CYS B 395 6.71 -14.82 26.17
N SER B 396 7.91 -15.39 26.08
CA SER B 396 8.14 -16.55 25.23
C SER B 396 8.46 -17.78 26.08
N ASN B 397 8.49 -18.93 25.41
CA ASN B 397 8.76 -20.22 26.06
C ASN B 397 7.72 -20.52 27.13
N ILE B 398 6.45 -20.41 26.78
CA ILE B 398 5.34 -20.67 27.70
C ILE B 398 4.72 -22.04 27.42
N SER B 399 4.91 -22.97 28.35
CA SER B 399 4.35 -24.32 28.21
C SER B 399 2.88 -24.33 28.61
N ILE B 400 2.22 -25.45 28.35
CA ILE B 400 0.83 -25.59 28.75
C ILE B 400 0.73 -25.56 30.27
N GLY B 401 -0.26 -24.82 30.78
CA GLY B 401 -0.48 -24.74 32.21
C GLY B 401 0.40 -23.71 32.89
N ASP B 402 1.39 -23.20 32.16
CA ASP B 402 2.29 -22.18 32.70
C ASP B 402 1.59 -20.85 32.86
N GLU B 403 1.96 -20.11 33.90
CA GLU B 403 1.43 -18.78 34.15
C GLU B 403 2.53 -17.74 33.98
N VAL B 404 2.14 -16.56 33.49
CA VAL B 404 3.05 -15.43 33.42
C VAL B 404 2.27 -14.17 33.77
N GLN B 405 2.98 -13.10 34.07
CA GLN B 405 2.36 -11.86 34.51
C GLN B 405 2.93 -10.63 33.82
N PHE B 406 2.10 -9.60 33.70
CA PHE B 406 2.51 -8.32 33.13
C PHE B 406 2.09 -7.19 34.05
N GLU B 407 3.03 -6.33 34.42
CA GLU B 407 2.71 -5.10 35.15
C GLU B 407 2.56 -3.95 34.17
N ILE B 408 1.31 -3.57 33.91
CA ILE B 408 0.99 -2.49 32.99
C ILE B 408 0.80 -1.17 33.73
N SER B 409 1.47 -0.13 33.26
CA SER B 409 1.40 1.20 33.87
C SER B 409 0.86 2.22 32.88
N ILE B 410 -0.15 2.98 33.31
CA ILE B 410 -0.78 3.99 32.48
C ILE B 410 -0.63 5.37 33.12
N THR B 411 -0.18 6.33 32.31
CA THR B 411 0.06 7.69 32.78
C THR B 411 -0.72 8.69 31.91
N SER B 412 -1.21 9.75 32.52
CA SER B 412 -1.94 10.79 31.80
C SER B 412 -1.41 12.18 32.14
N ASN B 413 -1.39 13.05 31.14
CA ASN B 413 -0.96 14.43 31.32
C ASN B 413 -2.10 15.40 31.02
N LYS B 414 -2.70 15.26 29.86
CA LYS B 414 -3.83 16.10 29.45
C LYS B 414 -5.04 15.84 30.34
N CYS B 415 -6.11 16.59 30.10
CA CYS B 415 -7.34 16.46 30.87
C CYS B 415 -8.57 16.60 29.97
N PRO B 416 -8.88 15.55 29.20
CA PRO B 416 -10.06 15.54 28.33
C PRO B 416 -11.36 15.81 29.09
N ASP B 419 -14.16 12.61 27.74
CA ASP B 419 -14.45 12.48 29.18
C ASP B 419 -13.93 11.15 29.71
N SER B 420 -14.81 10.17 29.84
CA SER B 420 -14.42 8.84 30.32
C SER B 420 -13.98 7.97 29.16
N ASP B 421 -12.68 7.69 29.09
CA ASP B 421 -12.11 6.92 27.99
C ASP B 421 -12.17 5.43 28.27
N SER B 422 -11.87 4.63 27.24
CA SER B 422 -11.93 3.19 27.34
C SER B 422 -11.14 2.52 26.22
N PHE B 423 -10.32 1.54 26.58
CA PHE B 423 -9.56 0.77 25.59
C PHE B 423 -9.38 -0.66 26.07
N LYS B 424 -9.09 -1.56 25.15
CA LYS B 424 -8.94 -2.98 25.46
C LYS B 424 -7.49 -3.44 25.32
N ILE B 425 -7.11 -4.39 26.16
CA ILE B 425 -5.80 -5.05 26.04
C ILE B 425 -6.05 -6.52 25.78
N ARG B 426 -5.37 -7.07 24.76
CA ARG B 426 -5.69 -8.39 24.25
C ARG B 426 -4.44 -9.15 23.81
N PRO B 427 -4.30 -10.41 24.22
CA PRO B 427 -3.24 -11.23 23.63
C PRO B 427 -3.59 -11.60 22.20
N LEU B 428 -2.63 -11.43 21.28
CA LEU B 428 -2.88 -11.72 19.87
C LEU B 428 -3.18 -13.21 19.66
N GLY B 429 -4.22 -13.48 18.89
CA GLY B 429 -4.61 -14.84 18.57
C GLY B 429 -5.86 -15.30 19.33
N PHE B 430 -6.15 -14.63 20.44
CA PHE B 430 -7.25 -15.03 21.32
C PHE B 430 -8.33 -13.97 21.37
N THR B 431 -9.56 -14.41 21.69
CA THR B 431 -10.70 -13.51 21.75
C THR B 431 -10.78 -12.76 23.08
N GLU B 432 -10.30 -13.40 24.14
CA GLU B 432 -10.32 -12.82 25.48
C GLU B 432 -9.54 -11.52 25.54
N GLU B 433 -10.12 -10.51 26.18
CA GLU B 433 -9.51 -9.19 26.28
C GLU B 433 -9.78 -8.56 27.64
N VAL B 434 -9.00 -7.53 27.96
CA VAL B 434 -9.10 -6.82 29.23
C VAL B 434 -9.60 -5.41 28.98
N GLU B 435 -10.73 -5.05 29.59
CA GLU B 435 -11.34 -3.75 29.39
C GLU B 435 -10.85 -2.75 30.43
N VAL B 436 -10.05 -1.78 29.97
CA VAL B 436 -9.53 -0.74 30.86
C VAL B 436 -10.33 0.55 30.70
N ILE B 437 -11.04 0.91 31.75
CA ILE B 437 -11.84 2.14 31.76
C ILE B 437 -11.09 3.22 32.52
N LEU B 438 -11.04 4.42 31.94
CA LEU B 438 -10.26 5.52 32.50
C LEU B 438 -11.14 6.68 32.95
N GLN B 439 -10.84 7.20 34.13
CA GLN B 439 -11.49 8.39 34.66
C GLN B 439 -10.39 9.37 35.08
N TYR B 440 -10.63 10.66 34.85
CA TYR B 440 -9.60 11.67 35.04
C TYR B 440 -9.92 12.59 36.20
N ILE B 441 -8.99 12.64 37.16
CA ILE B 441 -9.10 13.54 38.30
C ILE B 441 -8.63 14.93 37.90
N CYS B 442 -9.57 15.80 37.56
CA CYS B 442 -9.26 17.15 37.10
C CYS B 442 -9.56 18.20 38.16
N GLU B 443 -10.38 17.83 39.15
CA GLU B 443 -10.80 18.75 40.20
C GLU B 443 -10.74 18.10 41.58
N CYS B 444 -10.80 18.92 42.62
CA CYS B 444 -10.76 18.45 43.99
C CYS B 444 -12.11 17.88 44.41
N GLU B 445 -12.09 16.95 45.36
CA GLU B 445 -13.31 16.33 45.83
C GLU B 445 -13.75 16.90 47.18
N ALA C 1 15.83 -23.47 -17.67
CA ALA C 1 15.47 -22.06 -17.61
C ALA C 1 14.37 -21.83 -16.59
N CYS C 2 13.14 -22.16 -16.97
CA CYS C 2 11.98 -22.04 -16.08
C CYS C 2 11.78 -20.64 -15.54
N ARG C 3 11.03 -19.83 -16.29
CA ARG C 3 10.65 -18.49 -15.86
C ARG C 3 9.14 -18.43 -15.72
N GLY C 4 8.64 -17.33 -15.16
CA GLY C 4 7.22 -17.17 -14.92
C GLY C 4 6.64 -18.31 -14.10
N ASP C 5 5.41 -18.70 -14.43
CA ASP C 5 4.75 -19.78 -13.72
C ASP C 5 5.16 -21.13 -14.28
N GLY C 6 6.44 -21.46 -14.13
CA GLY C 6 6.97 -22.73 -14.56
C GLY C 6 7.02 -22.92 -16.07
N TRP C 7 7.50 -21.91 -16.78
CA TRP C 7 7.70 -22.00 -18.23
C TRP C 7 9.14 -22.35 -18.55
N CYS C 8 9.42 -23.64 -18.66
CA CYS C 8 10.77 -24.11 -18.96
C CYS C 8 11.08 -23.96 -20.45
#